data_9GO2
#
_entry.id   9GO2
#
_cell.length_a   61.400
_cell.length_b   141.700
_cell.length_c   94.400
_cell.angle_alpha   90.000
_cell.angle_beta   90.000
_cell.angle_gamma   90.000
#
_symmetry.space_group_name_H-M   'C 2 2 21'
#
loop_
_entity.id
_entity.type
_entity.pdbx_description
1 polymer 'Archaeal-type opsin 1,Archaeal-type opsin 2'
2 non-polymer '(2R)-2,3-dihydroxypropyl (9Z)-octadec-9-enoate'
3 non-polymer RETINAL
4 water water
#
_entity_poly.entity_id   1
_entity_poly.type   'polypeptide(L)'
_entity_poly.pdbx_seq_one_letter_code
;STGSDATVPVATQDGPDYVFHRAHERMLFQTSYTLENNGSVICIPNNGQCFCLAWLKSNGTNAEKLAANILQWITFALSA
LCLMFYGYQTWKSTCGWEEIYVATIEMIKFIIEYFHEFDEPAVIYSSNGNKTVWLRYAEWLLTCPVILIHLSNLTGLAND
YNKRTMGLLVSDIGTIVWGTTAALSKGYVRVIFFLMGLCYGIYTFFNAAKVYIEAYHTVPKGRCRQVVTGMAWLFFVSWG
MFPILFILGPEGFGVLSVYGSTVGHTIIDLMSKNCWGLLGHYLRVLIHEHILIHGDIRKTTKLNIGGTEIEVETLVEDEA
EAGAVSSEDLYFQ
;
_entity_poly.pdbx_strand_id   A
#
loop_
_chem_comp.id
_chem_comp.type
_chem_comp.name
_chem_comp.formula
OLC non-polymer '(2R)-2,3-dihydroxypropyl (9Z)-octadec-9-enoate' 'C21 H40 O4'
RET non-polymer RETINAL 'C20 H28 O'
#
# COMPACT_ATOMS: atom_id res chain seq x y z
N MET A 27 28.21 -2.39 -7.99
CA MET A 27 27.75 -1.00 -7.90
C MET A 27 28.17 -0.19 -9.12
N LEU A 28 27.34 0.78 -9.52
N LEU A 28 27.21 0.75 -9.26
CA LEU A 28 27.71 1.78 -10.52
CA LEU A 28 27.51 1.62 -10.38
C LEU A 28 27.99 3.14 -9.89
C LEU A 28 27.79 3.03 -9.89
N PHE A 29 28.42 3.16 -8.64
N PHE A 29 28.25 3.14 -8.65
CA PHE A 29 29.16 4.27 -8.07
CA PHE A 29 29.00 4.29 -8.15
C PHE A 29 30.56 3.80 -7.67
C PHE A 29 30.39 3.84 -7.75
N GLN A 30 31.39 4.76 -7.28
N GLN A 30 31.24 4.81 -7.43
CA GLN A 30 32.77 4.45 -6.91
CA GLN A 30 32.62 4.52 -7.08
C GLN A 30 32.79 3.67 -5.61
C GLN A 30 32.67 3.78 -5.75
N THR A 31 33.50 2.54 -5.63
N THR A 31 33.38 2.64 -5.75
CA THR A 31 33.65 1.68 -4.47
CA THR A 31 33.55 1.80 -4.56
C THR A 31 35.10 1.49 -4.02
C THR A 31 35.00 1.62 -4.14
N SER A 32 36.07 1.81 -4.88
N SER A 32 35.96 1.93 -5.01
CA SER A 32 37.49 1.70 -4.54
CA SER A 32 37.38 1.82 -4.70
C SER A 32 38.03 3.09 -4.23
C SER A 32 37.94 3.20 -4.39
N TYR A 33 38.69 3.22 -3.08
N TYR A 33 38.62 3.31 -3.25
CA TYR A 33 39.31 4.46 -2.68
CA TYR A 33 39.26 4.56 -2.85
C TYR A 33 40.51 4.17 -1.78
C TYR A 33 40.47 4.24 -1.98
N THR A 34 41.33 5.20 -1.58
N THR A 34 41.30 5.27 -1.79
CA THR A 34 42.43 5.15 -0.62
CA THR A 34 42.42 5.22 -0.86
C THR A 34 42.26 6.29 0.40
C THR A 34 42.29 6.36 0.16
N LEU A 35 42.50 5.97 1.67
N LEU A 35 42.56 6.04 1.42
CA LEU A 35 42.69 6.99 2.69
CA LEU A 35 42.79 7.07 2.42
C LEU A 35 44.13 7.50 2.63
C LEU A 35 44.23 7.55 2.33
N GLU A 36 44.30 8.82 2.67
N GLU A 36 44.41 8.88 2.35
CA GLU A 36 45.62 9.44 2.74
CA GLU A 36 45.73 9.48 2.37
C GLU A 36 45.66 10.39 3.92
C GLU A 36 45.83 10.45 3.55
N ASN A 37 46.88 10.85 4.24
N ASN A 37 47.07 10.90 3.80
CA ASN A 37 47.11 11.87 5.25
CA ASN A 37 47.36 11.93 4.79
C ASN A 37 46.40 11.54 6.57
C ASN A 37 46.74 11.61 6.15
N ASN A 38 46.62 10.31 7.04
N ASN A 38 46.96 10.38 6.61
CA ASN A 38 46.09 9.86 8.34
CA ASN A 38 46.52 9.94 7.94
C ASN A 38 44.57 9.86 8.29
C ASN A 38 45.00 9.94 8.03
N GLY A 39 44.01 9.37 7.19
N GLY A 39 44.35 9.46 6.97
CA GLY A 39 42.58 9.22 7.07
CA GLY A 39 42.92 9.31 6.95
C GLY A 39 41.81 10.50 6.81
C GLY A 39 42.13 10.59 6.76
N SER A 40 42.49 11.58 6.43
N SER A 40 42.78 11.68 6.35
CA SER A 40 41.84 12.86 6.24
CA SER A 40 42.12 12.97 6.22
C SER A 40 41.55 13.17 4.77
C SER A 40 41.76 13.30 4.77
N VAL A 41 42.10 12.39 3.82
N VAL A 41 42.25 12.52 3.81
CA VAL A 41 41.88 12.62 2.40
CA VAL A 41 42.01 12.73 2.40
C VAL A 41 41.51 11.28 1.76
C VAL A 41 41.59 11.40 1.78
N ILE A 42 40.47 11.31 0.91
N ILE A 42 40.56 11.43 0.94
CA ILE A 42 40.10 10.17 0.09
CA ILE A 42 40.15 10.28 0.16
C ILE A 42 40.37 10.52 -1.37
C ILE A 42 40.46 10.56 -1.30
N CYS A 43 41.07 9.61 -2.06
N CYS A 43 41.13 9.61 -1.95
CA CYS A 43 41.40 9.67 -3.48
CA CYS A 43 41.44 9.67 -3.37
C CYS A 43 40.73 8.55 -4.26
C CYS A 43 40.73 8.56 -4.11
N ILE A 44 40.25 8.89 -5.45
N ILE A 44 40.20 8.88 -5.29
CA ILE A 44 39.48 7.94 -6.26
CA ILE A 44 39.39 7.96 -6.08
C ILE A 44 39.98 8.04 -7.70
C ILE A 44 39.83 8.07 -7.54
N PRO A 45 39.77 6.98 -8.48
N PRO A 45 39.57 7.02 -8.33
CA PRO A 45 40.02 7.08 -9.92
CA PRO A 45 39.77 7.15 -9.78
C PRO A 45 39.12 8.17 -10.48
C PRO A 45 38.89 8.24 -10.38
N ASN A 46 39.70 9.00 -11.34
N ASN A 46 39.50 9.04 -11.25
CA ASN A 46 38.95 10.01 -12.10
CA ASN A 46 38.78 10.04 -12.03
C ASN A 46 38.27 9.38 -13.32
C ASN A 46 38.13 9.37 -13.24
N ASN A 47 37.28 8.55 -13.03
N ASN A 47 37.13 8.53 -12.96
CA ASN A 47 36.57 7.79 -14.05
CA ASN A 47 36.46 7.73 -13.95
C ASN A 47 35.14 8.28 -14.26
C ASN A 47 35.03 8.19 -14.21
N GLY A 48 34.80 9.45 -13.72
N GLY A 48 34.66 9.37 -13.69
CA GLY A 48 33.47 10.03 -13.84
CA GLY A 48 33.33 9.92 -13.84
C GLY A 48 32.45 9.57 -12.83
C GLY A 48 32.31 9.45 -12.84
N GLN A 49 32.73 8.53 -12.05
N GLN A 49 32.62 8.44 -12.04
CA GLN A 49 31.76 8.00 -11.10
CA GLN A 49 31.66 7.90 -11.08
C GLN A 49 31.70 8.85 -9.84
C GLN A 49 31.57 8.78 -9.83
N CYS A 50 30.51 8.94 -9.26
N CYS A 50 30.37 8.84 -9.27
CA CYS A 50 30.29 9.58 -7.97
CA CYS A 50 30.16 9.50 -7.99
C CYS A 50 30.77 8.67 -6.84
C CYS A 50 30.65 8.61 -6.84
N PHE A 51 31.08 9.29 -5.69
N PHE A 51 30.95 9.24 -5.72
CA PHE A 51 31.62 8.55 -4.55
CA PHE A 51 31.50 8.53 -4.57
C PHE A 51 31.03 9.11 -3.27
C PHE A 51 30.89 9.12 -3.30
N CYS A 52 30.72 8.21 -2.34
N CYS A 52 30.57 8.25 -2.35
CA CYS A 52 30.36 8.60 -0.99
CA CYS A 52 30.18 8.66 -1.01
C CYS A 52 30.44 7.39 -0.06
C CYS A 52 30.24 7.48 -0.06
N LEU A 53 31.00 7.61 1.12
N LEU A 53 30.79 7.70 1.13
CA LEU A 53 31.18 6.51 2.07
CA LEU A 53 30.93 6.61 2.09
C LEU A 53 29.83 5.99 2.52
C LEU A 53 29.55 6.13 2.54
N ALA A 54 28.88 6.92 2.77
N ALA A 54 28.62 7.06 2.75
CA ALA A 54 27.57 6.54 3.29
CA ALA A 54 27.30 6.72 3.27
C ALA A 54 26.90 5.50 2.42
C ALA A 54 26.63 5.66 2.40
N TRP A 55 27.11 5.58 1.10
N TRP A 55 26.87 5.71 1.09
CA TRP A 55 26.50 4.65 0.17
CA TRP A 55 26.25 4.77 0.17
C TRP A 55 27.03 3.24 0.34
C TRP A 55 26.77 3.35 0.38
N LEU A 56 28.22 3.07 0.91
N LEU A 56 27.95 3.20 0.97
CA LEU A 56 28.84 1.76 0.95
CA LEU A 56 28.59 1.90 1.07
C LEU A 56 28.51 0.99 2.22
C LEU A 56 28.26 1.18 2.37
N LYS A 57 27.79 1.60 3.16
N LYS A 57 27.51 1.82 3.26
CA LYS A 57 27.32 0.88 4.33
CA LYS A 57 27.04 1.14 4.47
C LYS A 57 26.58 -0.37 3.89
C LYS A 57 26.34 -0.15 4.06
N SER A 58 26.73 -1.46 4.65
N SER A 58 26.49 -1.20 4.87
CA SER A 58 26.07 -2.70 4.25
CA SER A 58 25.86 -2.45 4.49
C SER A 58 24.55 -2.55 4.27
C SER A 58 24.33 -2.31 4.49
N ASN A 59 23.89 -3.29 3.38
N ASN A 59 23.71 -3.08 3.60
CA ASN A 59 22.45 -3.41 3.36
CA ASN A 59 22.26 -3.20 3.56
C ASN A 59 21.93 -4.42 4.37
C ASN A 59 21.72 -4.20 4.58
N GLY A 60 22.80 -5.22 4.98
N GLY A 60 22.60 -5.00 5.18
CA GLY A 60 22.43 -6.12 6.04
CA GLY A 60 22.23 -5.89 6.26
C GLY A 60 23.12 -7.46 5.91
C GLY A 60 22.94 -7.22 6.11
N THR A 61 22.72 -8.38 6.80
N THR A 61 22.58 -8.15 6.98
CA THR A 61 23.26 -9.72 6.88
CA THR A 61 23.16 -9.49 7.01
C THR A 61 22.78 -10.62 5.73
C THR A 61 22.67 -10.33 5.84
N ASN A 62 23.50 -11.72 5.55
N ASN A 62 23.41 -11.41 5.56
CA ASN A 62 23.16 -12.71 4.53
CA ASN A 62 23.03 -12.34 4.50
C ASN A 62 21.81 -13.36 4.85
C ASN A 62 21.71 -13.03 4.82
N ALA A 63 21.50 -13.48 6.14
N ALA A 63 21.43 -13.24 6.10
CA ALA A 63 20.22 -14.06 6.56
CA ALA A 63 20.17 -13.86 6.51
C ALA A 63 19.09 -13.15 6.12
C ALA A 63 19.02 -12.95 6.14
N GLU A 64 19.25 -11.85 6.31
N GLU A 64 19.16 -11.66 6.43
CA GLU A 64 18.28 -10.86 5.84
CA GLU A 64 18.16 -10.67 6.04
C GLU A 64 18.12 -10.97 4.33
C GLU A 64 17.97 -10.66 4.53
N LYS A 65 19.24 -11.10 3.60
N LYS A 65 19.08 -10.70 3.78
CA LYS A 65 19.17 -11.20 2.14
CA LYS A 65 18.98 -10.68 2.32
C LYS A 65 18.39 -12.44 1.73
C LYS A 65 18.24 -11.92 1.82
N LEU A 66 18.67 -13.58 2.37
N LEU A 66 18.58 -13.09 2.36
CA LEU A 66 18.00 -14.82 1.98
CA LEU A 66 17.96 -14.33 1.89
C LEU A 66 16.49 -14.67 2.19
C LEU A 66 16.46 -14.27 2.14
N ALA A 67 16.11 -14.14 3.36
N ALA A 67 16.07 -13.85 3.34
CA ALA A 67 14.71 -13.93 3.68
CA ALA A 67 14.65 -13.74 3.69
C ALA A 67 14.02 -13.04 2.64
C ALA A 67 13.94 -12.82 2.71
N ALA A 68 14.72 -12.00 2.19
N ALA A 68 14.57 -11.70 2.33
CA ALA A 68 14.12 -11.04 1.27
CA ALA A 68 13.93 -10.72 1.47
C ALA A 68 13.87 -11.67 -0.10
C ALA A 68 13.74 -11.28 0.07
N ASN A 69 14.81 -12.49 -0.58
N ASN A 69 14.74 -12.01 -0.45
CA ASN A 69 14.63 -13.12 -1.88
CA ASN A 69 14.63 -12.56 -1.79
C ASN A 69 13.50 -14.13 -1.84
C ASN A 69 13.57 -13.64 -1.84
N ILE A 70 13.31 -14.79 -0.69
N ILE A 70 13.40 -14.40 -0.75
CA ILE A 70 12.24 -15.77 -0.56
CA ILE A 70 12.40 -15.45 -0.69
C ILE A 70 10.90 -15.05 -0.59
C ILE A 70 11.00 -14.84 -0.69
N LEU A 71 10.74 -14.03 0.26
N LEU A 71 10.77 -13.89 0.22
CA LEU A 71 9.46 -13.31 0.29
CA LEU A 71 9.45 -13.28 0.32
C LEU A 71 9.16 -12.68 -1.05
C LEU A 71 9.08 -12.57 -0.97
N GLN A 72 10.18 -12.23 -1.78
N GLN A 72 10.06 -12.01 -1.68
CA GLN A 72 9.95 -11.66 -3.10
CA GLN A 72 9.78 -11.37 -2.96
C GLN A 72 9.44 -12.71 -4.07
C GLN A 72 9.30 -12.42 -3.96
N TRP A 73 10.11 -13.86 -4.13
N TRP A 73 10.02 -13.54 -4.08
CA TRP A 73 9.66 -14.95 -4.98
CA TRP A 73 9.58 -14.63 -4.94
C TRP A 73 8.22 -15.35 -4.64
C TRP A 73 8.17 -15.06 -4.58
N ILE A 74 7.93 -15.51 -3.34
N ILE A 74 7.92 -15.22 -3.27
CA ILE A 74 6.57 -15.83 -2.91
CA ILE A 74 6.59 -15.56 -2.77
C ILE A 74 5.60 -14.82 -3.50
C ILE A 74 5.57 -14.57 -3.30
N THR A 75 5.98 -13.53 -3.42
N THR A 75 5.91 -13.29 -3.28
CA THR A 75 5.10 -12.45 -3.82
CA THR A 75 4.96 -12.24 -3.65
C THR A 75 4.98 -12.39 -5.34
C THR A 75 4.74 -12.26 -5.16
N PHE A 76 6.09 -12.63 -6.06
N PHE A 76 5.80 -12.50 -5.94
CA PHE A 76 6.02 -12.61 -7.51
CA PHE A 76 5.65 -12.59 -7.38
C PHE A 76 5.10 -13.70 -7.99
C PHE A 76 4.76 -13.77 -7.73
N ALA A 77 5.29 -14.91 -7.44
N ALA A 77 4.99 -14.91 -7.09
CA ALA A 77 4.51 -16.09 -7.80
CA ALA A 77 4.20 -16.10 -7.37
C ALA A 77 3.05 -15.92 -7.42
C ALA A 77 2.74 -15.84 -7.04
N LEU A 78 2.80 -15.50 -6.18
N LEU A 78 2.48 -15.27 -5.86
CA LEU A 78 1.43 -15.41 -5.68
CA LEU A 78 1.10 -15.02 -5.44
C LEU A 78 0.68 -14.32 -6.43
C LEU A 78 0.45 -14.00 -6.35
N SER A 79 1.37 -13.22 -6.78
N SER A 79 1.21 -13.00 -6.81
CA SER A 79 0.73 -12.15 -7.53
CA SER A 79 0.65 -12.00 -7.71
C SER A 79 0.40 -12.63 -8.93
C SER A 79 0.31 -12.63 -9.05
N ALA A 80 1.28 -13.47 -9.51
N ALA A 80 1.14 -13.58 -9.50
CA ALA A 80 1.02 -14.02 -10.83
CA ALA A 80 0.85 -14.27 -10.75
C ALA A 80 -0.13 -15.02 -10.76
C ALA A 80 -0.35 -15.18 -10.58
N LEU A 81 -0.19 -15.79 -9.67
N LEU A 81 -0.46 -15.84 -9.42
CA LEU A 81 -1.31 -16.71 -9.46
CA LEU A 81 -1.63 -16.65 -9.13
C LEU A 81 -2.61 -15.91 -9.35
C LEU A 81 -2.88 -15.78 -9.08
N CYS A 82 -2.61 -14.84 -8.54
N CYS A 82 -2.81 -14.65 -8.38
CA CYS A 82 -3.80 -14.00 -8.42
CA CYS A 82 -3.93 -13.71 -8.33
C CYS A 82 -4.26 -13.48 -9.77
C CYS A 82 -4.31 -13.30 -9.75
N LEU A 83 -3.32 -13.06 -10.63
N LEU A 83 -3.33 -13.04 -10.60
CA LEU A 83 -3.73 -12.51 -11.92
CA LEU A 83 -3.60 -12.58 -11.96
C LEU A 83 -4.45 -13.60 -12.71
C LEU A 83 -4.34 -13.66 -12.72
N MET A 84 -3.76 -14.73 -12.93
N MET A 84 -3.77 -14.87 -12.77
CA MET A 84 -4.36 -15.86 -13.62
CA MET A 84 -4.42 -15.99 -13.44
C MET A 84 -5.66 -16.26 -12.94
C MET A 84 -5.84 -16.18 -12.90
N PHE A 85 -5.66 -16.28 -11.59
N PHE A 85 -5.99 -16.10 -11.57
CA PHE A 85 -6.83 -16.72 -10.84
CA PHE A 85 -7.28 -16.31 -10.95
C PHE A 85 -8.02 -15.81 -11.11
C PHE A 85 -8.28 -15.25 -11.40
N TYR A 86 -7.80 -14.49 -11.12
N TYR A 86 -7.84 -13.99 -11.45
CA TYR A 86 -8.86 -13.55 -11.42
CA TYR A 86 -8.71 -12.93 -11.93
C TYR A 86 -9.27 -13.66 -12.88
C TYR A 86 -8.99 -13.09 -13.42
N GLY A 87 -8.39 -14.23 -13.70
N GLY A 87 -8.15 -13.84 -14.13
CA GLY A 87 -8.48 -14.41 -15.14
CA GLY A 87 -8.24 -14.01 -15.57
C GLY A 87 -9.48 -15.46 -15.57
C GLY A 87 -9.38 -14.90 -16.00
N TYR A 88 -9.93 -16.30 -14.63
N TYR A 88 -9.95 -15.66 -15.06
CA TYR A 88 -10.86 -17.39 -14.90
CA TYR A 88 -11.04 -16.59 -15.29
C TYR A 88 -12.19 -16.83 -15.39
C TYR A 88 -12.30 -15.86 -15.73
N CYS A 95 -14.99 -3.51 -14.99
N CYS A 95 -15.28 -3.66 -14.66
CA CYS A 95 -15.30 -4.24 -13.75
CA CYS A 95 -15.46 -4.42 -13.42
C CYS A 95 -14.23 -5.30 -13.48
C CYS A 95 -14.34 -5.44 -13.24
N GLY A 96 -13.76 -5.37 -12.23
N GLY A 96 -13.80 -5.51 -12.02
CA GLY A 96 -12.65 -6.25 -11.91
CA GLY A 96 -12.64 -6.33 -11.75
C GLY A 96 -11.27 -5.70 -12.24
C GLY A 96 -11.32 -5.73 -12.15
N TRP A 97 -11.19 -4.49 -12.79
N TRP A 97 -11.31 -4.51 -12.71
CA TRP A 97 -9.93 -3.94 -13.27
CA TRP A 97 -10.08 -3.93 -13.24
C TRP A 97 -8.97 -3.61 -12.13
C TRP A 97 -9.12 -3.54 -12.13
N GLU A 98 -9.50 -3.31 -10.94
N GLU A 98 -9.62 -3.24 -10.94
CA GLU A 98 -8.64 -2.90 -9.84
CA GLU A 98 -8.74 -2.79 -9.85
C GLU A 98 -7.77 -4.04 -9.32
C GLU A 98 -7.87 -3.93 -9.36
N GLU A 99 -8.33 -5.23 -9.15
N GLU A 99 -8.44 -5.11 -9.16
CA GLU A 99 -7.51 -6.36 -8.72
CA GLU A 99 -7.64 -6.26 -8.75
C GLU A 99 -6.39 -6.66 -9.73
C GLU A 99 -6.58 -6.57 -9.80
N ILE A 100 -6.67 -6.54 -11.02
N ILE A 100 -6.94 -6.43 -11.08
CA ILE A 100 -5.67 -6.89 -12.04
CA ILE A 100 -6.03 -6.79 -12.16
C ILE A 100 -4.58 -5.83 -12.11
C ILE A 100 -4.89 -5.78 -12.25
N TYR A 101 -4.95 -4.55 -12.07
N TYR A 101 -5.21 -4.49 -12.16
CA TYR A 101 -3.95 -3.51 -12.20
CA TYR A 101 -4.20 -3.44 -12.29
C TYR A 101 -2.92 -3.62 -11.09
C TYR A 101 -3.14 -3.60 -11.22
N VAL A 102 -3.36 -3.80 -9.84
N VAL A 102 -3.56 -3.83 -9.96
CA VAL A 102 -2.43 -3.89 -8.71
CA VAL A 102 -2.62 -3.96 -8.86
C VAL A 102 -1.56 -5.13 -8.86
C VAL A 102 -1.74 -5.18 -9.07
N ALA A 103 -2.18 -6.26 -9.20
N ALA A 103 -2.35 -6.29 -9.48
CA ALA A 103 -1.45 -7.53 -9.32
CA ALA A 103 -1.61 -7.54 -9.67
C ALA A 103 -0.44 -7.48 -10.46
C ALA A 103 -0.61 -7.39 -10.81
N THR A 104 -0.81 -6.82 -11.57
N THR A 104 -0.98 -6.66 -11.87
CA THR A 104 0.14 -6.60 -12.65
CA THR A 104 -0.03 -6.34 -12.93
C THR A 104 1.34 -5.80 -12.17
C THR A 104 1.13 -5.53 -12.35
N ILE A 105 1.10 -4.67 -11.49
N ILE A 105 0.83 -4.48 -11.60
CA ILE A 105 2.22 -3.83 -11.09
CA ILE A 105 1.90 -3.62 -11.08
C ILE A 105 3.12 -4.58 -10.13
C ILE A 105 2.78 -4.43 -10.15
N GLU A 106 2.54 -5.33 -9.18
N GLU A 106 2.18 -5.29 -9.31
CA GLU A 106 3.35 -6.08 -8.23
CA GLU A 106 2.94 -6.12 -8.39
C GLU A 106 4.29 -7.04 -8.95
C GLU A 106 3.97 -6.93 -9.16
N MET A 107 3.81 -7.64 -10.05
N MET A 107 3.59 -7.41 -10.35
CA MET A 107 4.60 -8.61 -10.80
CA MET A 107 4.46 -8.23 -11.17
C MET A 107 5.75 -7.88 -11.48
C MET A 107 5.62 -7.42 -11.73
N ILE A 108 5.40 -6.84 -12.24
N ILE A 108 5.30 -6.30 -12.39
CA ILE A 108 6.39 -5.97 -12.87
CA ILE A 108 6.33 -5.38 -12.88
C ILE A 108 7.41 -5.52 -11.84
C ILE A 108 7.31 -5.04 -11.78
N LYS A 109 6.96 -5.25 -10.61
N LYS A 109 6.83 -4.83 -10.56
CA LYS A 109 7.86 -4.74 -9.58
CA LYS A 109 7.72 -4.44 -9.47
C LYS A 109 8.99 -5.74 -9.34
C LYS A 109 8.78 -5.51 -9.25
N PHE A 110 8.64 -7.04 -9.26
N PHE A 110 8.35 -6.78 -9.23
CA PHE A 110 9.62 -8.06 -8.92
CA PHE A 110 9.24 -7.89 -8.89
C PHE A 110 10.68 -8.18 -9.99
C PHE A 110 10.31 -8.07 -9.95
N ILE A 111 10.29 -8.09 -11.27
N ILE A 111 9.95 -7.93 -11.23
CA ILE A 111 11.26 -8.23 -12.35
CA ILE A 111 10.91 -8.12 -12.31
C ILE A 111 12.27 -7.10 -12.24
C ILE A 111 12.01 -7.06 -12.21
N ILE A 112 11.84 -5.91 -11.82
N ILE A 112 11.64 -5.85 -11.79
CA ILE A 112 12.78 -4.82 -11.66
CA ILE A 112 12.63 -4.80 -11.62
C ILE A 112 13.66 -5.09 -10.44
C ILE A 112 13.49 -5.11 -10.40
N GLU A 113 13.03 -5.47 -9.31
N GLU A 113 12.85 -5.47 -9.28
CA GLU A 113 13.80 -5.87 -8.13
CA GLU A 113 13.57 -5.88 -8.08
C GLU A 113 14.79 -6.97 -8.51
C GLU A 113 14.56 -7.00 -8.41
N TYR A 114 14.30 -7.96 -9.25
N TYR A 114 14.10 -7.99 -9.16
CA TYR A 114 15.09 -9.13 -9.58
CA TYR A 114 14.92 -9.17 -9.43
C TYR A 114 16.33 -8.76 -10.38
C TYR A 114 16.20 -8.81 -10.18
N PHE A 115 16.21 -7.82 -11.31
N PHE A 115 16.09 -7.88 -11.12
CA PHE A 115 17.35 -7.50 -12.14
CA PHE A 115 17.23 -7.51 -11.97
C PHE A 115 18.18 -6.36 -11.61
C PHE A 115 18.01 -6.30 -11.46
N HIS A 116 17.54 -5.36 -10.96
N HIS A 116 17.35 -5.32 -10.84
CA HIS A 116 18.21 -4.10 -10.66
CA HIS A 116 17.99 -4.04 -10.56
C HIS A 116 17.79 -3.55 -9.29
C HIS A 116 17.58 -3.47 -9.21
N GLU A 117 17.59 -4.42 -8.29
N GLU A 117 17.40 -4.34 -8.20
CA GLU A 117 16.98 -3.98 -7.04
CA GLU A 117 16.80 -3.90 -6.94
C GLU A 117 17.74 -2.81 -6.43
C GLU A 117 17.57 -2.71 -6.34
N PHE A 118 19.06 -2.85 -6.49
N PHE A 118 18.89 -2.75 -6.43
CA PHE A 118 19.91 -1.88 -5.82
CA PHE A 118 19.74 -1.76 -5.78
C PHE A 118 20.63 -0.99 -6.83
C PHE A 118 20.46 -0.88 -6.79
N ASP A 119 20.21 -1.04 -8.08
N ASP A 119 20.03 -0.96 -8.05
CA ASP A 119 20.67 -0.16 -9.14
CA ASP A 119 20.50 -0.08 -9.12
C ASP A 119 19.82 1.11 -9.13
C ASP A 119 19.67 1.19 -9.14
N GLU A 120 20.46 2.24 -9.37
N GLU A 120 20.33 2.31 -9.38
CA GLU A 120 19.73 3.49 -9.53
CA GLU A 120 19.61 3.57 -9.57
C GLU A 120 18.90 3.46 -10.81
C GLU A 120 18.78 3.53 -10.84
N PRO A 121 17.63 3.87 -10.74
N PRO A 121 17.51 3.94 -10.80
CA PRO A 121 16.94 4.45 -9.59
CA PRO A 121 16.83 4.54 -9.65
C PRO A 121 15.95 3.57 -8.85
C PRO A 121 15.83 3.65 -8.89
N ALA A 122 16.10 2.24 -8.82
N ALA A 122 15.97 2.32 -8.85
CA ALA A 122 15.33 1.45 -7.87
CA ALA A 122 15.19 1.55 -7.89
C ALA A 122 15.67 1.84 -6.43
C ALA A 122 15.54 1.94 -6.46
N VAL A 123 16.95 2.07 -6.16
N VAL A 123 16.82 2.16 -6.18
CA VAL A 123 17.41 2.75 -4.95
CA VAL A 123 17.29 2.84 -4.99
C VAL A 123 18.12 4.02 -5.40
C VAL A 123 18.01 4.10 -5.43
N ILE A 124 17.74 5.15 -4.83
N ILE A 124 17.64 5.24 -4.85
CA ILE A 124 18.43 6.41 -5.10
CA ILE A 124 18.35 6.50 -5.10
C ILE A 124 19.52 6.61 -4.05
C ILE A 124 19.43 6.68 -4.04
N TYR A 125 20.76 6.71 -4.52
N TYR A 125 20.68 6.76 -4.50
CA TYR A 125 21.89 7.11 -3.69
CA TYR A 125 21.80 7.13 -3.65
C TYR A 125 22.15 8.58 -3.94
C TYR A 125 22.09 8.61 -3.91
N SER A 126 21.81 9.43 -2.98
N SER A 126 21.75 9.46 -2.94
CA SER A 126 21.76 10.87 -3.19
CA SER A 126 21.72 10.89 -3.16
C SER A 126 22.94 11.54 -2.50
C SER A 126 22.90 11.57 -2.46
N SER A 127 23.16 12.82 -2.85
N SER A 127 23.11 12.83 -2.82
CA SER A 127 24.37 13.52 -2.43
CA SER A 127 24.32 13.55 -2.41
C SER A 127 24.42 13.73 -0.94
C SER A 127 24.36 13.80 -0.91
N ASN A 128 23.28 13.72 -0.27
N ASN A 128 23.19 13.80 -0.25
CA ASN A 128 23.23 13.83 1.18
CA ASN A 128 23.13 13.96 1.20
C ASN A 128 23.47 12.50 1.89
C ASN A 128 23.38 12.65 1.94
N GLY A 129 23.73 11.44 1.14
N GLY A 129 23.66 11.57 1.22
CA GLY A 129 24.10 10.15 1.72
CA GLY A 129 24.04 10.31 1.83
C GLY A 129 22.96 9.17 1.87
C GLY A 129 22.89 9.34 2.00
N ASN A 130 21.73 9.62 1.67
N ASN A 130 21.66 9.78 1.77
CA ASN A 130 20.57 8.74 1.83
CA ASN A 130 20.49 8.93 1.96
C ASN A 130 20.53 7.66 0.76
C ASN A 130 20.46 7.82 0.91
N LYS A 131 19.98 6.51 1.14
N LYS A 131 19.92 6.68 1.32
CA LYS A 131 19.52 5.50 0.20
CA LYS A 131 19.47 5.63 0.41
C LYS A 131 18.00 5.54 0.24
C LYS A 131 17.95 5.67 0.43
N THR A 132 17.37 5.93 -0.86
N THR A 132 17.34 6.03 -0.70
CA THR A 132 15.91 6.04 -0.92
CA THR A 132 15.89 6.15 -0.79
C THR A 132 15.37 5.04 -1.93
C THR A 132 15.34 5.14 -1.78
N VAL A 133 14.44 4.21 -1.48
N VAL A 133 14.40 4.31 -1.31
CA VAL A 133 13.89 3.13 -2.30
CA VAL A 133 13.86 3.23 -2.13
C VAL A 133 12.78 3.70 -3.17
C VAL A 133 12.75 3.81 -3.00
N TRP A 134 13.15 4.36 -4.27
N TRP A 134 13.12 4.47 -4.10
CA TRP A 134 12.14 4.97 -5.13
CA TRP A 134 12.11 5.07 -4.96
C TRP A 134 11.15 3.94 -5.66
C TRP A 134 11.16 4.03 -5.51
N LEU A 135 11.61 2.71 -5.90
N LEU A 135 11.65 2.81 -5.75
CA LEU A 135 10.74 1.66 -6.41
CA LEU A 135 10.84 1.72 -6.27
C LEU A 135 9.52 1.49 -5.51
C LEU A 135 9.60 1.51 -5.41
N ARG A 136 9.75 1.52 -4.19
N ARG A 136 9.77 1.56 -4.08
CA ARG A 136 8.66 1.32 -3.24
CA ARG A 136 8.67 1.31 -3.16
C ARG A 136 7.66 2.47 -3.34
C ARG A 136 7.63 2.42 -3.28
N TYR A 137 8.15 3.71 -3.27
N TYR A 137 8.05 3.68 -3.20
CA TYR A 137 7.25 4.85 -3.21
CA TYR A 137 7.11 4.79 -3.17
C TYR A 137 6.53 4.99 -4.55
C TYR A 137 6.41 4.95 -4.51
N ALA A 138 7.26 4.77 -5.65
N ALA A 138 7.15 4.75 -5.61
CA ALA A 138 6.65 4.77 -6.97
CA ALA A 138 6.55 4.74 -6.93
C ALA A 138 5.57 3.70 -7.05
C ALA A 138 5.46 3.68 -7.02
N GLU A 139 5.87 2.49 -6.58
N GLU A 139 5.77 2.46 -6.53
CA GLU A 139 4.87 1.43 -6.54
CA GLU A 139 4.77 1.40 -6.50
C GLU A 139 3.66 1.85 -5.72
C GLU A 139 3.53 1.84 -5.73
N TRP A 140 3.87 2.49 -4.57
N TRP A 140 3.71 2.48 -4.58
CA TRP A 140 2.73 2.95 -3.77
CA TRP A 140 2.57 2.95 -3.79
C TRP A 140 1.87 3.91 -4.58
C TRP A 140 1.72 3.92 -4.61
N LEU A 141 2.51 4.82 -5.32
N LEU A 141 2.37 4.82 -5.34
CA LEU A 141 1.78 5.79 -6.12
CA LEU A 141 1.67 5.82 -6.14
C LEU A 141 0.96 5.11 -7.21
C LEU A 141 0.85 5.16 -7.24
N LEU A 142 1.44 3.97 -7.73
N LEU A 142 1.31 4.01 -7.74
CA LEU A 142 0.72 3.25 -8.76
CA LEU A 142 0.61 3.29 -8.81
C LEU A 142 -0.44 2.45 -8.20
C LEU A 142 -0.59 2.53 -8.27
N THR A 143 -0.26 1.86 -7.01
N THR A 143 -0.47 1.95 -7.07
CA THR A 143 -1.17 0.85 -6.50
CA THR A 143 -1.41 0.96 -6.55
C THR A 143 -2.14 1.39 -5.45
C THR A 143 -2.39 1.54 -5.55
N CYS A 144 -1.67 2.22 -4.51
N CYS A 144 -1.92 2.39 -4.64
CA CYS A 144 -2.54 2.63 -3.41
CA CYS A 144 -2.76 2.85 -3.54
C CYS A 144 -3.79 3.36 -3.89
C CYS A 144 -4.02 3.57 -4.04
N PRO A 145 -3.72 4.33 -4.80
N PRO A 145 -3.97 4.51 -4.99
CA PRO A 145 -4.98 4.96 -5.25
CA PRO A 145 -5.23 5.14 -5.45
C PRO A 145 -5.94 3.95 -5.83
C PRO A 145 -6.20 4.11 -6.00
N VAL A 146 -5.43 2.90 -6.48
N VAL A 146 -5.70 3.06 -6.63
CA VAL A 146 -6.32 1.91 -7.10
CA VAL A 146 -6.56 2.05 -7.24
C VAL A 146 -6.99 1.07 -6.04
C VAL A 146 -7.22 1.20 -6.15
N ILE A 147 -6.24 0.71 -4.98
N ILE A 147 -6.46 0.88 -5.09
CA ILE A 147 -6.85 0.04 -3.83
CA ILE A 147 -7.04 0.20 -3.93
C ILE A 147 -7.96 0.91 -3.25
C ILE A 147 -8.18 1.03 -3.35
N LEU A 148 -7.72 2.22 -3.16
N LEU A 148 -7.99 2.36 -3.28
CA LEU A 148 -8.72 3.09 -2.57
CA LEU A 148 -9.02 3.21 -2.69
C LEU A 148 -9.93 3.25 -3.50
C LEU A 148 -10.22 3.34 -3.63
N ILE A 149 -9.69 3.22 -4.81
N ILE A 149 -9.99 3.29 -4.94
CA ILE A 149 -10.80 3.22 -5.76
CA ILE A 149 -11.10 3.27 -5.89
C ILE A 149 -11.62 1.94 -5.57
C ILE A 149 -11.91 1.99 -5.70
N HIS A 150 -10.94 0.81 -5.46
N HIS A 150 -11.21 0.85 -5.59
CA HIS A 150 -11.59 -0.47 -5.15
CA HIS A 150 -11.86 -0.40 -5.26
C HIS A 150 -12.40 -0.32 -3.86
C HIS A 150 -12.68 -0.26 -3.99
N LEU A 151 -11.77 0.22 -2.81
N LEU A 151 -12.05 0.29 -2.94
CA LEU A 151 -12.44 0.37 -1.53
CA LEU A 151 -12.73 0.45 -1.65
C LEU A 151 -13.72 1.18 -1.67
C LEU A 151 -14.01 1.27 -1.80
N SER A 152 -13.71 2.21 -2.52
N SER A 152 -13.97 2.31 -2.64
CA SER A 152 -14.87 3.06 -2.73
CA SER A 152 -15.12 3.17 -2.85
C SER A 152 -15.98 2.36 -3.47
C SER A 152 -16.26 2.49 -3.60
N ASN A 153 -15.74 1.16 -3.99
N ASN A 153 -16.02 1.28 -4.13
CA ASN A 153 -16.77 0.38 -4.68
CA ASN A 153 -17.05 0.50 -4.83
C ASN A 153 -16.54 -1.10 -4.35
C ASN A 153 -16.81 -0.97 -4.51
N LEU A 154 -16.63 -1.42 -3.05
N LEU A 154 -16.89 -1.30 -3.21
CA LEU A 154 -16.36 -2.78 -2.59
CA LEU A 154 -16.61 -2.66 -2.77
C LEU A 154 -17.34 -3.78 -3.21
C LEU A 154 -17.58 -3.68 -3.38
N THR A 155 -18.61 -3.39 -3.32
N THR A 155 -18.86 -3.31 -3.47
CA THR A 155 -19.61 -4.30 -3.88
CA THR A 155 -19.85 -4.23 -4.01
C THR A 155 -19.43 -4.45 -5.39
C THR A 155 -19.71 -4.40 -5.51
N GLY A 156 -18.80 -3.47 -6.04
N GLY A 156 -19.12 -3.42 -6.19
CA GLY A 156 -18.65 -3.45 -7.48
CA GLY A 156 -19.02 -3.41 -7.64
C GLY A 156 -19.88 -3.03 -8.24
C GLY A 156 -20.29 -3.03 -8.36
N LEU A 157 -20.97 -2.70 -7.56
N LEU A 157 -21.36 -2.71 -7.65
CA LEU A 157 -22.20 -2.37 -8.26
CA LEU A 157 -22.63 -2.41 -8.29
C LEU A 157 -22.29 -0.90 -8.63
C LEU A 157 -22.75 -0.94 -8.65
N ALA A 158 -21.69 -0.04 -7.81
N ALA A 158 -22.14 -0.08 -7.85
CA ALA A 158 -21.74 1.40 -8.06
CA ALA A 158 -22.20 1.36 -8.07
C ALA A 158 -21.06 1.73 -9.39
C ALA A 158 -21.58 1.72 -9.41
N ASN A 159 -21.61 2.71 -10.09
N ASN A 159 -22.16 2.71 -10.07
CA ASN A 159 -20.99 3.27 -11.27
CA ASN A 159 -21.58 3.27 -11.27
C ASN A 159 -20.43 4.67 -11.02
C ASN A 159 -20.99 4.65 -11.05
N ASP A 160 -20.74 5.26 -9.87
N ASP A 160 -21.23 5.25 -9.89
CA ASP A 160 -20.29 6.60 -9.53
CA ASP A 160 -20.74 6.59 -9.56
C ASP A 160 -19.51 6.58 -8.22
C ASP A 160 -19.90 6.56 -8.30
N TYR A 161 -18.79 7.68 -7.97
N TYR A 161 -19.16 7.65 -8.09
CA TYR A 161 -18.04 7.89 -6.74
CA TYR A 161 -18.36 7.85 -6.88
C TYR A 161 -18.40 9.27 -6.19
C TYR A 161 -18.70 9.22 -6.31
N ASN A 162 -18.57 9.37 -4.87
N ASN A 162 -18.81 9.29 -4.99
CA ASN A 162 -18.95 10.64 -4.28
CA ASN A 162 -19.17 10.53 -4.32
C ASN A 162 -17.74 11.58 -4.20
C ASN A 162 -17.98 11.48 -4.20
N LYS A 163 -17.99 12.81 -3.70
N LYS A 163 -18.26 12.64 -3.61
CA LYS A 163 -16.91 13.73 -3.41
CA LYS A 163 -17.20 13.60 -3.25
C LYS A 163 -15.93 13.16 -2.39
C LYS A 163 -16.18 12.97 -2.30
N ARG A 164 -16.43 12.42 -1.39
N ARG A 164 -16.64 12.10 -1.40
CA ARG A 164 -15.54 11.93 -0.33
CA ARG A 164 -15.74 11.54 -0.39
C ARG A 164 -14.48 11.00 -0.90
C ARG A 164 -14.64 10.73 -1.04
N THR A 165 -14.85 10.20 -1.92
N THR A 165 -14.96 10.02 -2.13
CA THR A 165 -13.87 9.32 -2.57
CA THR A 165 -13.95 9.27 -2.85
C THR A 165 -12.68 10.14 -3.06
C THR A 165 -12.79 10.18 -3.23
N MET A 166 -12.95 11.30 -3.67
N MET A 166 -13.10 11.37 -3.74
CA MET A 166 -11.89 12.10 -4.28
CA MET A 166 -12.08 12.26 -4.27
C MET A 166 -10.94 12.62 -3.20
C MET A 166 -11.16 12.72 -3.14
N GLY A 167 -11.48 13.00 -2.05
N GLY A 167 -11.73 12.98 -1.97
CA GLY A 167 -10.65 13.44 -0.95
CA GLY A 167 -10.91 13.35 -0.83
C GLY A 167 -9.77 12.31 -0.44
C GLY A 167 -10.00 12.21 -0.41
N LEU A 168 -10.32 11.10 -0.40
N LEU A 168 -10.50 10.97 -0.45
CA LEU A 168 -9.53 9.93 0.00
CA LEU A 168 -9.66 9.82 -0.13
C LEU A 168 -8.30 9.80 -0.89
C LEU A 168 -8.42 9.78 -1.01
N LEU A 169 -8.46 9.98 -2.20
N LEU A 169 -8.58 9.99 -2.32
CA LEU A 169 -7.36 9.76 -3.13
CA LEU A 169 -7.43 9.85 -3.21
C LEU A 169 -6.33 10.87 -2.99
C LEU A 169 -6.45 11.00 -3.02
N VAL A 170 -6.79 12.11 -2.86
N VAL A 170 -6.96 12.23 -2.88
CA VAL A 170 -5.90 13.27 -2.81
CA VAL A 170 -6.09 13.39 -2.79
C VAL A 170 -5.11 13.26 -1.51
C VAL A 170 -5.33 13.35 -1.47
N SER A 171 -5.76 12.90 -0.40
N SER A 171 -6.00 12.96 -0.39
CA SER A 171 -5.04 12.79 0.87
CA SER A 171 -5.33 12.82 0.89
C SER A 171 -3.98 11.71 0.80
C SER A 171 -4.28 11.71 0.82
N ASP A 172 -4.28 10.61 0.11
N ASP A 172 -4.59 10.63 0.10
CA ASP A 172 -3.35 9.48 0.09
CA ASP A 172 -3.69 9.49 0.08
C ASP A 172 -2.14 9.80 -0.78
C ASP A 172 -2.46 9.78 -0.78
N ILE A 173 -2.37 10.48 -1.91
N ILE A 173 -2.67 10.47 -1.91
CA ILE A 173 -1.26 10.87 -2.77
CA ILE A 173 -1.55 10.84 -2.76
C ILE A 173 -0.31 11.78 -1.99
C ILE A 173 -0.59 11.73 -1.98
N GLY A 174 -0.89 12.75 -1.27
N GLY A 174 -1.16 12.72 -1.27
CA GLY A 174 -0.05 13.66 -0.49
CA GLY A 174 -0.33 13.62 -0.48
C GLY A 174 0.77 12.91 0.54
C GLY A 174 0.47 12.85 0.56
N THR A 175 0.17 11.91 1.19
N THR A 175 -0.17 11.87 1.21
CA THR A 175 0.88 11.12 2.19
CA THR A 175 0.52 11.06 2.21
C THR A 175 2.16 10.56 1.58
C THR A 175 1.80 10.47 1.62
N ILE A 176 2.04 9.91 0.43
N ILE A 176 1.68 9.82 0.46
CA ILE A 176 3.18 9.26 -0.21
CA ILE A 176 2.81 9.15 -0.16
C ILE A 176 4.21 10.30 -0.61
C ILE A 176 3.86 10.18 -0.56
N VAL A 177 3.75 11.43 -1.17
N VAL A 177 3.42 11.31 -1.12
CA VAL A 177 4.66 12.48 -1.62
CA VAL A 177 4.35 12.35 -1.57
C VAL A 177 5.44 13.06 -0.45
C VAL A 177 5.12 12.93 -0.39
N TRP A 178 4.75 13.34 0.67
N TRP A 178 4.43 13.20 0.71
CA TRP A 178 5.43 13.82 1.86
CA TRP A 178 5.11 13.69 1.92
C TRP A 178 6.36 12.74 2.43
C TRP A 178 6.04 12.62 2.47
N GLY A 179 5.87 11.50 2.48
N GLY A 179 5.60 11.37 2.52
CA GLY A 179 6.69 10.42 3.00
CA GLY A 179 6.44 10.31 3.04
C GLY A 179 7.93 10.22 2.15
C GLY A 179 7.69 10.15 2.18
N THR A 180 7.77 10.27 0.83
N THR A 180 7.53 10.22 0.87
CA THR A 180 8.92 10.10 -0.06
CA THR A 180 8.68 10.09 -0.03
C THR A 180 9.91 11.23 0.17
C THR A 180 9.67 11.22 0.21
N THR A 181 9.40 12.47 0.24
N THR A 181 9.16 12.46 0.32
CA THR A 181 10.25 13.62 0.47
CA THR A 181 10.02 13.60 0.57
C THR A 181 10.98 13.48 1.80
C THR A 181 10.78 13.43 1.88
N ALA A 182 10.27 13.01 2.83
N ALA A 182 10.09 12.94 2.91
CA ALA A 182 10.90 12.78 4.13
CA ALA A 182 10.74 12.66 4.19
C ALA A 182 12.02 11.77 4.02
C ALA A 182 11.86 11.65 4.02
N ALA A 183 11.78 10.67 3.29
N ALA A 183 11.61 10.57 3.27
CA ALA A 183 12.82 9.66 3.12
CA ALA A 183 12.65 9.57 3.07
C ALA A 183 14.03 10.23 2.41
C ALA A 183 13.85 10.16 2.36
N LEU A 184 13.80 11.13 1.44
N LEU A 184 13.61 11.08 1.41
CA LEU A 184 14.89 11.74 0.70
CA LEU A 184 14.70 11.71 0.69
C LEU A 184 15.64 12.78 1.54
C LEU A 184 15.45 12.71 1.56
N SER A 185 15.00 13.30 2.58
N SER A 185 14.81 13.22 2.61
CA SER A 185 15.54 14.36 3.42
CA SER A 185 15.37 14.26 3.45
C SER A 185 16.29 13.80 4.63
C SER A 185 16.11 13.65 4.65
N LYS A 186 16.77 14.72 5.47
N LYS A 186 16.63 14.52 5.51
CA LYS A 186 17.49 14.40 6.68
CA LYS A 186 17.34 14.11 6.71
C LYS A 186 17.08 15.37 7.78
C LYS A 186 16.96 15.08 7.82
N GLY A 187 17.40 15.00 9.02
N GLY A 187 17.23 14.69 9.06
CA GLY A 187 17.27 15.95 10.12
CA GLY A 187 17.13 15.61 10.18
C GLY A 187 15.86 16.48 10.23
C GLY A 187 15.75 16.21 10.27
N TYR A 188 15.76 17.80 10.47
N TYR A 188 15.68 17.52 10.54
CA TYR A 188 14.46 18.39 10.78
CA TYR A 188 14.40 18.14 10.85
C TYR A 188 13.56 18.45 9.56
C TYR A 188 13.52 18.25 9.60
N VAL A 189 14.16 18.54 8.36
N VAL A 189 14.13 18.34 8.42
CA VAL A 189 13.38 18.54 7.13
CA VAL A 189 13.37 18.38 7.17
C VAL A 189 12.64 17.22 6.99
C VAL A 189 12.59 17.09 6.99
N ARG A 190 13.33 16.10 7.26
N ARG A 190 13.25 15.96 7.27
CA ARG A 190 12.68 14.80 7.26
CA ARG A 190 12.58 14.66 7.24
C ARG A 190 11.52 14.77 8.25
C ARG A 190 11.40 14.65 8.19
N VAL A 191 11.70 15.34 9.44
N VAL A 191 11.57 15.21 9.39
CA VAL A 191 10.70 15.19 10.49
CA VAL A 191 10.56 15.10 10.44
C VAL A 191 9.42 15.92 10.09
C VAL A 191 9.29 15.84 10.02
N ILE A 192 9.58 17.13 9.54
N ILE A 192 9.46 17.05 9.45
CA ILE A 192 8.41 17.94 9.17
CA ILE A 192 8.31 17.87 9.08
C ILE A 192 7.60 17.24 8.10
C ILE A 192 7.47 17.15 8.03
N PHE A 193 8.25 16.82 7.02
N PHE A 193 8.11 16.68 6.95
CA PHE A 193 7.54 16.18 5.91
CA PHE A 193 7.39 16.02 5.87
C PHE A 193 6.88 14.88 6.37
C PHE A 193 6.71 14.75 6.37
N PHE A 194 7.55 14.14 7.25
N PHE A 194 7.37 14.04 7.29
CA PHE A 194 6.93 12.96 7.83
CA PHE A 194 6.73 12.89 7.92
C PHE A 194 5.64 13.32 8.56
C PHE A 194 5.46 13.30 8.62
N LEU A 195 5.67 14.39 9.36
N LEU A 195 5.51 14.40 9.39
CA LEU A 195 4.48 14.75 10.12
CA LEU A 195 4.34 14.84 10.13
C LEU A 195 3.34 15.18 9.22
C LEU A 195 3.23 15.27 9.17
N MET A 196 3.63 15.94 8.14
N MET A 196 3.60 15.96 8.08
CA MET A 196 2.56 16.25 7.20
CA MET A 196 2.60 16.30 7.07
C MET A 196 2.00 14.96 6.59
C MET A 196 1.98 15.03 6.50
N GLY A 197 2.89 14.01 6.30
N GLY A 197 2.80 14.00 6.27
CA GLY A 197 2.42 12.72 5.83
CA GLY A 197 2.27 12.71 5.86
C GLY A 197 1.50 12.10 6.87
C GLY A 197 1.33 12.16 6.89
N LEU A 198 1.88 12.22 8.15
N LEU A 198 1.69 12.27 8.17
CA LEU A 198 1.05 11.65 9.21
CA LEU A 198 0.86 11.75 9.26
C LEU A 198 -0.30 12.35 9.24
C LEU A 198 -0.48 12.47 9.30
N CYS A 199 -0.32 13.68 9.06
N CYS A 199 -0.48 13.79 9.09
CA CYS A 199 -1.60 14.38 9.04
CA CYS A 199 -1.75 14.52 9.07
C CYS A 199 -2.42 13.95 7.83
C CYS A 199 -2.60 14.06 7.90
N TYR A 200 -1.79 13.87 6.66
N TYR A 200 -1.99 13.90 6.73
CA TYR A 200 -2.51 13.40 5.49
CA TYR A 200 -2.72 13.39 5.57
C TYR A 200 -2.98 11.97 5.73
C TYR A 200 -3.23 11.99 5.88
N GLY A 201 -2.11 11.15 6.31
N GLY A 201 -2.38 11.18 6.52
CA GLY A 201 -2.43 9.75 6.52
CA GLY A 201 -2.74 9.81 6.82
C GLY A 201 -3.60 9.53 7.43
C GLY A 201 -3.94 9.71 7.74
N ILE A 202 -3.65 10.26 8.55
N ILE A 202 -3.97 10.55 8.77
CA ILE A 202 -4.78 10.15 9.45
CA ILE A 202 -5.13 10.56 9.66
C ILE A 202 -6.06 10.47 8.71
C ILE A 202 -6.40 10.84 8.87
N TYR A 203 -6.04 11.56 7.93
N TYR A 203 -6.36 11.85 7.99
CA TYR A 203 -7.22 11.90 7.14
CA TYR A 203 -7.52 12.15 7.16
C TYR A 203 -7.59 10.75 6.22
C TYR A 203 -7.93 10.95 6.29
N THR A 204 -6.60 10.07 5.63
N THR A 204 -6.95 10.20 5.76
CA THR A 204 -6.89 8.93 4.77
CA THR A 204 -7.30 9.03 4.94
C THR A 204 -7.53 7.81 5.59
C THR A 204 -8.00 7.99 5.82
N PHE A 205 -6.90 7.46 6.73
N PHE A 205 -7.42 7.67 6.99
CA PHE A 205 -7.37 6.35 7.54
CA PHE A 205 -7.98 6.62 7.83
C PHE A 205 -8.79 6.63 8.02
C PHE A 205 -9.41 6.96 8.21
N PHE A 206 -9.04 7.87 8.45
N PHE A 206 -9.66 8.23 8.57
CA PHE A 206 -10.34 8.25 8.99
CA PHE A 206 -10.98 8.64 9.01
C PHE A 206 -11.42 8.01 7.94
C PHE A 206 -12.00 8.39 7.92
N ASN A 207 -11.18 8.49 6.72
N ASN A 207 -11.70 8.82 6.69
CA ASN A 207 -12.18 8.40 5.67
CA ASN A 207 -12.66 8.70 5.61
C ASN A 207 -12.31 6.96 5.19
C ASN A 207 -12.76 7.25 5.16
N ALA A 208 -11.19 6.23 5.13
N ALA A 208 -11.64 6.53 5.17
CA ALA A 208 -11.27 4.79 4.82
CA ALA A 208 -11.67 5.09 4.91
C ALA A 208 -12.21 4.11 5.81
C ALA A 208 -12.61 4.39 5.89
N ALA A 209 -12.12 4.52 7.09
N ALA A 209 -12.58 4.84 7.15
CA ALA A 209 -12.93 3.92 8.14
CA ALA A 209 -13.38 4.19 8.19
C ALA A 209 -14.40 4.18 7.87
C ALA A 209 -14.87 4.34 7.88
N LYS A 210 -14.69 5.41 7.45
N LYS A 210 -15.28 5.53 7.45
CA LYS A 210 -16.04 5.83 7.07
CA LYS A 210 -16.67 5.76 7.07
C LYS A 210 -16.57 4.93 5.96
C LYS A 210 -17.07 4.82 5.94
N VAL A 211 -15.75 4.65 4.96
N VAL A 211 -16.21 4.64 4.94
CA VAL A 211 -16.17 3.84 3.81
CA VAL A 211 -16.55 3.80 3.79
C VAL A 211 -16.55 2.44 4.29
C VAL A 211 -16.82 2.37 4.27
N TYR A 212 -15.70 1.82 5.10
N TYR A 212 -15.93 1.83 5.10
CA TYR A 212 -15.93 0.47 5.58
CA TYR A 212 -16.10 0.46 5.58
C TYR A 212 -17.19 0.38 6.42
C TYR A 212 -17.37 0.34 6.41
N ILE A 213 -17.47 1.41 7.21
N ILE A 213 -17.70 1.38 7.17
CA ILE A 213 -18.71 1.43 8.00
CA ILE A 213 -18.95 1.40 7.93
C ILE A 213 -19.92 1.43 7.08
C ILE A 213 -20.13 1.35 6.97
N GLU A 214 -19.93 2.31 6.07
N GLU A 214 -20.11 2.21 5.95
CA GLU A 214 -21.00 2.28 5.07
CA GLU A 214 -21.15 2.14 4.91
C GLU A 214 -21.06 0.92 4.38
C GLU A 214 -21.15 0.78 4.24
N ALA A 215 -19.89 0.37 4.00
N ALA A 215 -19.96 0.24 3.92
CA ALA A 215 -19.88 -0.87 3.24
CA ALA A 215 -19.90 -1.02 3.19
C ALA A 215 -20.50 -1.99 4.06
C ALA A 215 -20.52 -2.14 4.01
N TYR A 216 -20.17 -2.05 5.34
N TYR A 216 -20.23 -2.16 5.31
CA TYR A 216 -20.63 -3.13 6.21
CA TYR A 216 -20.71 -3.22 6.19
C TYR A 216 -22.16 -3.16 6.24
C TYR A 216 -22.24 -3.28 6.16
N HIS A 217 -22.78 -1.99 6.39
N HIS A 217 -22.88 -2.12 6.26
CA HIS A 217 -24.22 -1.86 6.46
CA HIS A 217 -24.33 -1.99 6.29
C HIS A 217 -24.89 -1.87 5.09
C HIS A 217 -24.94 -2.02 4.90
N THR A 218 -24.11 -1.91 4.01
N THR A 218 -24.12 -2.08 3.85
CA THR A 218 -24.64 -1.96 2.66
CA THR A 218 -24.61 -2.14 2.48
C THR A 218 -24.80 -3.40 2.15
C THR A 218 -24.76 -3.58 2.00
N VAL A 219 -23.83 -4.26 2.43
N VAL A 219 -23.80 -4.43 2.32
CA VAL A 219 -23.76 -5.61 1.89
CA VAL A 219 -23.74 -5.80 1.81
C VAL A 219 -24.76 -6.51 2.64
C VAL A 219 -24.75 -6.66 2.57
N PRO A 220 -25.21 -7.63 2.03
N PRO A 220 -25.22 -7.78 1.98
CA PRO A 220 -26.12 -8.55 2.74
CA PRO A 220 -26.13 -8.66 2.72
C PRO A 220 -25.64 -9.01 4.11
C PRO A 220 -25.63 -9.07 4.09
N LYS A 221 -26.58 -9.49 4.92
N LYS A 221 -26.57 -9.51 4.96
CA LYS A 221 -26.36 -9.68 6.36
CA LYS A 221 -26.30 -9.66 6.38
C LYS A 221 -25.38 -10.80 6.68
C LYS A 221 -25.34 -10.77 6.72
N GLY A 222 -25.17 -11.74 5.77
N GLY A 222 -25.16 -11.75 5.84
CA GLY A 222 -24.40 -12.92 6.12
CA GLY A 222 -24.41 -12.95 6.18
C GLY A 222 -22.90 -12.88 5.87
C GLY A 222 -22.93 -12.96 5.88
N ARG A 223 -22.47 -13.74 4.95
N ARG A 223 -22.51 -13.82 4.97
CA ARG A 223 -21.05 -13.88 4.62
CA ARG A 223 -21.09 -13.96 4.64
C ARG A 223 -20.44 -12.56 4.14
C ARG A 223 -20.48 -12.64 4.17
N CYS A 224 -21.21 -11.78 3.37
N CYS A 224 -21.25 -11.85 3.40
CA CYS A 224 -20.70 -10.52 2.82
CA CYS A 224 -20.71 -10.61 2.85
C CYS A 224 -20.20 -9.61 3.93
C CYS A 224 -20.19 -9.69 3.94
N ARG A 225 -20.92 -9.56 5.05
N ARG A 225 -20.88 -9.64 5.09
CA ARG A 225 -20.51 -8.75 6.19
CA ARG A 225 -20.39 -8.81 6.20
C ARG A 225 -19.31 -9.33 6.92
C ARG A 225 -19.18 -9.44 6.87
N GLN A 226 -19.07 -10.65 6.80
N GLN A 226 -18.99 -10.75 6.76
CA GLN A 226 -17.86 -11.24 7.36
CA GLN A 226 -17.77 -11.37 7.27
C GLN A 226 -16.63 -10.78 6.58
C GLN A 226 -16.57 -10.90 6.45
N VAL A 227 -16.72 -10.84 5.25
N VAL A 227 -16.69 -10.92 5.12
CA VAL A 227 -15.57 -10.49 4.39
CA VAL A 227 -15.58 -10.56 4.26
C VAL A 227 -15.19 -9.03 4.60
C VAL A 227 -15.19 -9.10 4.49
N VAL A 228 -16.19 -8.14 4.61
N VAL A 228 -16.20 -8.22 4.53
CA VAL A 228 -15.94 -6.71 4.80
CA VAL A 228 -15.94 -6.79 4.76
C VAL A 228 -15.23 -6.47 6.13
C VAL A 228 -15.20 -6.59 6.07
N THR A 229 -15.69 -7.16 7.19
N THR A 229 -15.63 -7.29 7.13
CA THR A 229 -15.03 -7.06 8.49
CA THR A 229 -14.92 -7.19 8.41
C THR A 229 -13.58 -7.52 8.40
C THR A 229 -13.48 -7.66 8.26
N GLY A 230 -13.33 -8.63 7.71
N GLY A 230 -13.27 -8.78 7.58
CA GLY A 230 -11.96 -9.09 7.52
CA GLY A 230 -11.91 -9.23 7.34
C GLY A 230 -11.10 -8.05 6.81
C GLY A 230 -11.11 -8.20 6.56
N MET A 231 -11.66 -7.39 5.81
N MET A 231 -11.72 -7.58 5.57
CA MET A 231 -10.90 -6.44 5.02
CA MET A 231 -10.99 -6.63 4.72
C MET A 231 -10.52 -5.22 5.83
C MET A 231 -10.67 -5.38 5.52
N ALA A 232 -11.43 -4.80 6.72
N ALA A 232 -11.58 -4.97 6.41
CA ALA A 232 -11.14 -3.66 7.58
CA ALA A 232 -11.34 -3.80 7.25
C ALA A 232 -9.97 -3.97 8.48
C ALA A 232 -10.15 -4.04 8.16
N TRP A 233 -9.97 -5.15 9.08
N TRP A 233 -10.10 -5.21 8.80
CA TRP A 233 -8.87 -5.55 9.95
CA TRP A 233 -8.98 -5.52 9.68
C TRP A 233 -7.57 -5.57 9.13
C TRP A 233 -7.67 -5.49 8.89
N LEU A 234 -7.58 -6.31 8.02
N LEU A 234 -7.62 -6.23 7.79
CA LEU A 234 -6.42 -6.37 7.12
CA LEU A 234 -6.45 -6.22 6.92
C LEU A 234 -5.95 -4.97 6.73
C LEU A 234 -6.04 -4.79 6.61
N PHE A 235 -6.90 -4.11 6.33
N PHE A 235 -7.04 -3.97 6.25
CA PHE A 235 -6.57 -2.82 5.77
CA PHE A 235 -6.79 -2.61 5.77
C PHE A 235 -5.86 -1.93 6.80
C PHE A 235 -6.14 -1.77 6.85
N PHE A 236 -6.49 -1.75 7.96
N PHE A 236 -6.77 -1.70 8.03
CA PHE A 236 -5.96 -0.81 8.95
CA PHE A 236 -6.29 -0.82 9.09
C PHE A 236 -4.67 -1.34 9.56
C PHE A 236 -4.98 -1.32 9.68
N VAL A 237 -4.53 -2.67 9.66
N VAL A 237 -4.78 -2.64 9.67
CA VAL A 237 -3.33 -3.24 10.25
CA VAL A 237 -3.55 -3.23 10.21
C VAL A 237 -2.18 -3.12 9.26
C VAL A 237 -2.40 -2.96 9.25
N SER A 238 -2.41 -3.52 8.00
N SER A 238 -2.62 -3.21 7.96
CA SER A 238 -1.33 -3.52 7.03
CA SER A 238 -1.55 -3.08 6.98
C SER A 238 -0.95 -2.09 6.64
C SER A 238 -1.19 -1.61 6.79
N TRP A 239 -1.93 -1.22 6.38
N TRP A 239 -2.19 -0.73 6.71
CA TRP A 239 -1.61 0.16 6.05
CA TRP A 239 -1.90 0.70 6.57
C TRP A 239 -1.02 0.88 7.26
C TRP A 239 -1.24 1.23 7.83
N GLY A 240 -1.52 0.55 8.45
N GLY A 240 -1.64 0.72 9.00
CA GLY A 240 -1.01 1.17 9.66
CA GLY A 240 -1.03 1.18 10.23
C GLY A 240 0.42 0.78 9.97
C GLY A 240 0.42 0.77 10.37
N MET A 241 0.87 -0.36 9.46
N MET A 241 0.81 -0.31 9.69
CA MET A 241 2.22 -0.82 9.71
CA MET A 241 2.19 -0.78 9.75
C MET A 241 3.24 0.01 8.94
C MET A 241 3.14 0.12 8.96
N PHE A 242 2.80 0.70 7.88
N PHE A 242 2.62 0.91 8.02
CA PHE A 242 3.73 1.39 6.99
CA PHE A 242 3.49 1.65 7.11
C PHE A 242 4.45 2.54 7.68
C PHE A 242 4.26 2.74 7.86
N PRO A 243 3.76 3.51 8.31
N PRO A 243 3.61 3.66 8.60
CA PRO A 243 4.51 4.56 9.02
CA PRO A 243 4.40 4.64 9.37
C PRO A 243 5.43 4.00 10.09
C PRO A 243 5.34 3.99 10.37
N ILE A 244 5.07 2.86 10.68
N ILE A 244 5.00 2.82 10.90
CA ILE A 244 5.93 2.26 11.69
CA ILE A 244 5.87 2.16 11.86
C ILE A 244 7.20 1.71 11.05
C ILE A 244 7.14 1.68 11.16
N LEU A 245 7.09 1.03 9.91
N LEU A 245 7.00 1.04 9.99
CA LEU A 245 8.29 0.50 9.28
CA LEU A 245 8.18 0.56 9.29
C LEU A 245 9.18 1.63 8.81
C LEU A 245 9.04 1.72 8.81
N PHE A 246 8.57 2.76 8.44
N PHE A 246 8.40 2.85 8.47
CA PHE A 246 9.31 3.95 8.03
CA PHE A 246 9.14 4.04 8.04
C PHE A 246 10.17 4.45 9.18
C PHE A 246 10.02 4.54 9.17
N ILE A 247 9.54 4.70 10.34
N ILE A 247 9.42 4.82 10.34
CA ILE A 247 10.24 5.19 11.53
CA ILE A 247 10.16 5.30 11.50
C ILE A 247 11.41 4.28 11.90
C ILE A 247 11.30 4.35 11.84
N LEU A 248 11.24 2.96 11.75
N LEU A 248 11.07 3.05 11.73
CA LEU A 248 12.28 2.01 12.15
CA LEU A 248 12.07 2.06 12.11
C LEU A 248 13.38 1.86 11.10
C LEU A 248 13.14 1.84 11.04
N GLY A 249 13.10 2.18 9.84
N GLY A 249 12.83 2.10 9.77
CA GLY A 249 13.99 1.85 8.76
CA GLY A 249 13.71 1.69 8.70
C GLY A 249 15.07 2.90 8.59
C GLY A 249 14.83 2.68 8.46
N PRO A 250 15.94 2.68 7.60
N PRO A 250 15.68 2.34 7.48
CA PRO A 250 16.94 3.71 7.26
CA PRO A 250 16.72 3.28 7.04
C PRO A 250 16.34 5.07 7.01
C PRO A 250 16.20 4.65 6.63
N GLU A 251 15.08 5.14 6.58
N GLU A 251 14.96 4.76 6.16
CA GLU A 251 14.42 6.41 6.35
CA GLU A 251 14.43 6.07 5.77
C GLU A 251 14.13 7.17 7.65
C GLU A 251 14.17 6.98 6.95
N GLY A 252 14.28 6.50 8.79
N GLY A 252 14.21 6.48 8.18
CA GLY A 252 13.97 7.07 10.10
CA GLY A 252 13.90 7.30 9.33
C GLY A 252 15.16 6.96 11.03
C GLY A 252 15.02 7.23 10.34
N PHE A 253 15.12 6.01 11.96
N PHE A 253 14.79 6.48 11.42
CA PHE A 253 16.12 5.85 13.00
CA PHE A 253 15.72 6.39 12.54
C PHE A 253 17.09 4.70 12.73
C PHE A 253 16.41 5.03 12.42
N GLY A 254 17.02 4.10 11.55
N GLY A 254 17.68 5.06 12.00
CA GLY A 254 17.97 3.06 11.17
CA GLY A 254 18.53 3.89 11.92
C GLY A 254 18.04 1.87 12.08
C GLY A 254 18.34 2.80 12.96
N VAL A 255 16.95 1.57 12.80
N VAL A 255 17.33 1.95 12.76
CA VAL A 255 16.88 0.32 13.55
CA VAL A 255 17.15 0.76 13.59
C VAL A 255 16.98 -0.86 12.59
C VAL A 255 17.17 -0.46 12.67
N LEU A 256 16.11 -0.88 11.59
N LEU A 256 16.29 -0.45 11.67
CA LEU A 256 16.13 -1.93 10.57
CA LEU A 256 16.25 -1.54 10.69
C LEU A 256 17.17 -1.58 9.50
C LEU A 256 17.30 -1.30 9.62
N SER A 257 17.82 -2.61 8.97
N SER A 257 17.87 -2.39 9.12
CA SER A 257 18.65 -2.48 7.78
CA SER A 257 18.69 -2.30 7.93
C SER A 257 17.80 -2.41 6.52
C SER A 257 17.81 -2.22 6.68
N VAL A 258 18.48 -2.28 5.38
N VAL A 258 18.47 -2.12 5.52
CA VAL A 258 17.78 -2.20 4.10
CA VAL A 258 17.76 -2.01 4.25
C VAL A 258 17.08 -3.51 3.80
C VAL A 258 17.00 -3.31 3.96
N TYR A 259 17.78 -4.63 3.97
N TYR A 259 17.67 -4.45 4.13
CA TYR A 259 17.15 -5.94 3.78
CA TYR A 259 17.03 -5.74 3.93
C TYR A 259 16.03 -6.14 4.79
C TYR A 259 15.88 -5.94 4.92
N GLY A 260 16.30 -5.81 6.06
N GLY A 260 16.12 -5.62 6.19
CA GLY A 260 15.26 -5.85 7.09
CA GLY A 260 15.03 -5.66 7.18
C GLY A 260 14.01 -5.10 6.67
C GLY A 260 13.82 -4.88 6.72
N SER A 261 14.19 -3.89 6.14
N SER A 261 14.02 -3.67 6.20
CA SER A 261 13.04 -3.10 5.73
CA SER A 261 12.90 -2.86 5.76
C SER A 261 12.32 -3.76 4.56
C SER A 261 12.23 -3.50 4.55
N THR A 262 13.07 -4.30 3.60
N THR A 262 13.03 -4.04 3.62
CA THR A 262 12.48 -5.02 2.48
CA THR A 262 12.50 -4.77 2.49
C THR A 262 11.61 -6.19 2.95
C THR A 262 11.63 -5.93 2.95
N VAL A 263 12.13 -7.04 3.83
N VAL A 263 12.15 -6.74 3.88
CA VAL A 263 11.34 -8.18 4.32
CA VAL A 263 11.39 -7.88 4.40
C VAL A 263 10.03 -7.69 4.94
C VAL A 263 10.06 -7.41 4.96
N GLY A 264 10.11 -6.73 5.88
N GLY A 264 10.09 -6.41 5.85
CA GLY A 264 8.90 -6.23 6.49
CA GLY A 264 8.86 -5.89 6.42
C GLY A 264 7.91 -5.70 5.46
C GLY A 264 7.89 -5.41 5.36
N HIS A 265 8.41 -4.97 4.46
N HIS A 265 8.40 -4.71 4.35
CA HIS A 265 7.53 -4.29 3.53
CA HIS A 265 7.52 -4.04 3.41
C HIS A 265 6.84 -5.29 2.62
C HIS A 265 6.84 -5.06 2.49
N THR A 266 7.53 -6.38 2.26
N THR A 266 7.54 -6.14 2.13
CA THR A 266 6.93 -7.39 1.40
CA THR A 266 6.93 -7.15 1.28
C THR A 266 5.84 -8.14 2.14
C THR A 266 5.85 -7.92 2.02
N ILE A 267 6.00 -8.31 3.45
N ILE A 267 6.03 -8.09 3.34
CA ILE A 267 4.97 -8.99 4.25
CA ILE A 267 5.02 -8.76 4.15
C ILE A 267 3.68 -8.19 4.19
C ILE A 267 3.72 -7.98 4.10
N ILE A 268 3.73 -6.92 4.61
N ILE A 268 3.76 -6.70 4.50
CA ILE A 268 2.54 -6.09 4.66
CA ILE A 268 2.55 -5.91 4.55
C ILE A 268 2.05 -5.76 3.26
C ILE A 268 2.05 -5.61 3.14
N ASP A 269 2.91 -5.88 2.24
N ASP A 269 2.93 -5.73 2.14
CA ASP A 269 2.44 -5.80 0.86
CA ASP A 269 2.49 -5.69 0.75
C ASP A 269 1.47 -6.93 0.54
C ASP A 269 1.55 -6.85 0.47
N LEU A 270 1.83 -8.16 0.91
N LEU A 270 1.94 -8.06 0.89
CA LEU A 270 0.97 -9.32 0.70
CA LEU A 270 1.10 -9.23 0.69
C LEU A 270 -0.38 -9.09 1.37
C LEU A 270 -0.28 -9.02 1.29
N MET A 271 -0.37 -8.48 2.56
N MET A 271 -0.35 -8.43 2.48
CA MET A 271 -1.61 -8.21 3.29
CA MET A 271 -1.65 -8.19 3.09
C MET A 271 -2.41 -7.13 2.59
C MET A 271 -2.39 -7.07 2.37
N SER A 272 -1.76 -6.00 2.29
N SER A 272 -1.74 -5.93 2.17
CA SER A 272 -2.47 -4.81 1.85
CA SER A 272 -2.41 -4.72 1.71
C SER A 272 -2.99 -4.97 0.43
C SER A 272 -2.81 -4.81 0.25
N LYS A 273 -2.29 -5.79 -0.36
N LYS A 273 -1.93 -5.38 -0.57
CA LYS A 273 -2.59 -5.91 -1.81
CA LYS A 273 -2.17 -5.49 -2.04
C LYS A 273 -3.13 -7.31 -2.12
C LYS A 273 -2.81 -6.84 -2.35
N ASN A 274 -2.24 -8.30 -2.15
N ASN A 274 -2.05 -7.92 -2.24
CA ASN A 274 -2.59 -9.66 -2.54
CA ASN A 274 -2.49 -9.24 -2.68
C ASN A 274 -3.78 -10.20 -1.77
C ASN A 274 -3.74 -9.73 -1.93
N CYS A 275 -3.70 -10.24 -0.43
N CYS A 275 -3.65 -9.82 -0.59
CA CYS A 275 -4.75 -10.89 0.35
CA CYS A 275 -4.75 -10.44 0.16
C CYS A 275 -6.02 -10.04 0.28
C CYS A 275 -5.98 -9.56 0.14
N TRP A 276 -5.86 -8.73 0.35
N TRP A 276 -5.81 -8.24 0.29
CA TRP A 276 -7.00 -7.81 0.34
CA TRP A 276 -6.98 -7.36 0.35
C TRP A 276 -7.69 -7.89 -1.01
C TRP A 276 -7.70 -7.34 -0.99
N GLY A 277 -6.90 -7.89 -2.09
N GLY A 277 -6.93 -7.21 -2.08
CA GLY A 277 -7.42 -8.06 -3.44
CA GLY A 277 -7.52 -7.28 -3.41
C GLY A 277 -8.15 -9.39 -3.61
C GLY A 277 -8.18 -8.62 -3.67
N LEU A 278 -7.59 -10.46 -3.05
N LEU A 278 -7.52 -9.70 -3.24
CA LEU A 278 -8.27 -11.77 -3.05
CA LEU A 278 -8.07 -11.05 -3.35
C LEU A 278 -9.64 -11.68 -2.44
C LEU A 278 -9.43 -11.12 -2.65
N LEU A 279 -9.73 -11.11 -1.26
N LEU A 279 -9.48 -10.68 -1.39
CA LEU A 279 -11.02 -10.96 -0.61
CA LEU A 279 -10.74 -10.69 -0.65
C LEU A 279 -11.94 -10.11 -1.49
C LEU A 279 -11.79 -9.82 -1.35
N GLY A 280 -11.39 -9.05 -2.09
N GLY A 280 -11.38 -8.66 -1.87
CA GLY A 280 -12.24 -8.16 -2.87
CA GLY A 280 -12.33 -7.75 -2.49
C GLY A 280 -12.85 -8.87 -4.05
C GLY A 280 -12.97 -8.39 -3.71
N HIS A 281 -12.08 -9.72 -4.72
N HIS A 281 -12.16 -9.13 -4.48
CA HIS A 281 -12.65 -10.53 -5.79
CA HIS A 281 -12.70 -9.88 -5.62
C HIS A 281 -13.73 -11.44 -5.21
C HIS A 281 -13.71 -10.91 -5.12
N TYR A 282 -13.40 -12.12 -4.11
N TYR A 282 -13.34 -11.65 -4.07
CA TYR A 282 -14.35 -12.99 -3.43
CA TYR A 282 -14.25 -12.63 -3.48
C TYR A 282 -15.60 -12.22 -3.02
C TYR A 282 -15.55 -11.95 -3.06
N LEU A 283 -15.43 -11.06 -2.38
N LEU A 283 -15.46 -10.82 -2.37
CA LEU A 283 -16.59 -10.27 -1.97
CA LEU A 283 -16.67 -10.11 -1.96
C LEU A 283 -17.47 -9.94 -3.16
C LEU A 283 -17.55 -9.79 -3.16
N ARG A 284 -16.86 -9.53 -4.28
N ARG A 284 -16.94 -9.33 -4.26
CA ARG A 284 -17.62 -9.12 -5.46
CA ARG A 284 -17.70 -8.94 -5.44
C ARG A 284 -18.39 -10.29 -6.07
C ARG A 284 -18.40 -10.14 -6.07
N VAL A 285 -17.79 -11.49 -6.08
N VAL A 285 -17.75 -11.31 -6.08
CA VAL A 285 -18.53 -12.67 -6.55
CA VAL A 285 -18.41 -12.52 -6.58
C VAL A 285 -19.75 -12.89 -5.68
C VAL A 285 -19.65 -12.81 -5.74
N LEU A 286 -19.58 -12.77 -4.35
N LEU A 286 -19.53 -12.70 -4.41
CA LEU A 286 -20.70 -13.02 -3.44
CA LEU A 286 -20.65 -13.02 -3.54
C LEU A 286 -21.79 -11.99 -3.68
C LEU A 286 -21.79 -12.04 -3.77
N ILE A 287 -21.42 -10.73 -3.90
N ILE A 287 -21.45 -10.75 -3.96
CA ILE A 287 -22.42 -9.70 -4.16
CA ILE A 287 -22.49 -9.75 -4.22
C ILE A 287 -23.14 -10.05 -5.46
C ILE A 287 -23.20 -10.09 -5.52
N HIS A 288 -22.41 -10.55 -6.45
N HIS A 288 -22.44 -10.55 -6.51
CA HIS A 288 -22.96 -10.84 -7.75
CA HIS A 288 -23.00 -10.84 -7.83
C HIS A 288 -23.95 -12.00 -7.66
C HIS A 288 -23.94 -12.03 -7.74
N GLU A 289 -23.58 -13.04 -6.93
N GLU A 289 -23.53 -13.08 -7.03
CA GLU A 289 -24.47 -14.19 -6.74
CA GLU A 289 -24.37 -14.25 -6.86
C GLU A 289 -25.75 -13.75 -6.06
C GLU A 289 -25.65 -13.86 -6.14
N HIS A 290 -25.65 -12.84 -5.08
N HIS A 290 -25.53 -12.99 -5.14
CA HIS A 290 -26.83 -12.38 -4.37
CA HIS A 290 -26.70 -12.53 -4.38
C HIS A 290 -27.80 -11.72 -5.33
C HIS A 290 -27.68 -11.83 -5.30
N ILE A 291 -27.28 -10.88 -6.24
N ILE A 291 -27.17 -10.97 -6.18
CA ILE A 291 -28.17 -10.14 -7.13
CA ILE A 291 -28.04 -10.16 -7.02
C ILE A 291 -28.73 -11.08 -8.19
C ILE A 291 -28.66 -11.02 -8.11
N LEU A 292 -27.97 -12.08 -8.61
N LEU A 292 -27.95 -12.03 -8.59
CA LEU A 292 -28.48 -13.02 -9.60
CA LEU A 292 -28.48 -12.92 -9.61
C LEU A 292 -29.61 -13.88 -9.04
C LEU A 292 -29.61 -13.79 -9.05
N ILE A 293 -29.39 -14.47 -7.86
N ILE A 293 -29.38 -14.43 -7.90
CA ILE A 293 -30.42 -15.31 -7.25
CA ILE A 293 -30.38 -15.28 -7.28
C ILE A 293 -31.59 -14.46 -6.78
C ILE A 293 -31.56 -14.47 -6.76
N HIS A 294 -31.31 -13.33 -6.11
N HIS A 294 -31.30 -13.35 -6.08
CA HIS A 294 -32.33 -12.57 -5.42
CA HIS A 294 -32.34 -12.63 -5.35
C HIS A 294 -32.76 -11.27 -6.10
C HIS A 294 -32.82 -11.35 -6.03
N GLY A 295 -32.04 -10.83 -7.12
N GLY A 295 -32.14 -10.89 -7.09
CA GLY A 295 -32.22 -9.49 -7.64
CA GLY A 295 -32.39 -9.55 -7.60
C GLY A 295 -31.68 -8.40 -6.72
C GLY A 295 -31.88 -8.45 -6.70
N ASP A 296 -31.78 -7.17 -7.22
N ASP A 296 -32.04 -7.22 -7.18
CA ASP A 296 -31.29 -5.97 -6.53
CA ASP A 296 -31.57 -6.02 -6.49
C ASP A 296 -32.48 -5.35 -5.80
C ASP A 296 -32.71 -5.42 -5.69
N ILE A 297 -32.67 -5.76 -4.55
N ILE A 297 -32.82 -5.87 -4.44
CA ILE A 297 -33.73 -5.24 -3.69
CA ILE A 297 -33.81 -5.36 -3.49
C ILE A 297 -33.07 -4.41 -2.60
C ILE A 297 -33.07 -4.58 -2.42
N ARG A 298 -33.49 -3.16 -2.45
N ARG A 298 -33.47 -3.33 -2.22
CA ARG A 298 -32.83 -2.25 -1.52
CA ARG A 298 -32.74 -2.43 -1.32
C ARG A 298 -33.79 -1.79 -0.43
C ARG A 298 -33.62 -2.00 -0.16
N LYS A 299 -33.21 -1.49 0.74
N LYS A 299 -32.98 -1.71 0.97
CA LYS A 299 -33.91 -0.87 1.85
CA LYS A 299 -33.63 -1.15 2.13
C LYS A 299 -33.06 0.28 2.34
C LYS A 299 -32.82 0.05 2.60
N THR A 300 -33.68 1.42 2.63
N THR A 300 -33.51 1.12 2.96
CA THR A 300 -32.91 2.55 3.15
CA THR A 300 -32.83 2.31 3.46
C THR A 300 -32.75 2.41 4.65
C THR A 300 -32.54 2.15 4.95
N THR A 301 -31.51 2.27 5.13
N THR A 301 -31.27 2.15 5.32
CA THR A 301 -31.21 2.41 6.54
CA THR A 301 -30.85 2.27 6.70
C THR A 301 -30.40 3.68 6.81
C THR A 301 -30.20 3.62 6.96
N LYS A 302 -30.71 4.38 7.89
N LYS A 302 -30.49 4.18 8.13
CA LYS A 302 -30.01 5.62 8.22
CA LYS A 302 -30.00 5.49 8.55
C LYS A 302 -29.23 5.38 9.51
C LYS A 302 -29.05 5.29 9.73
N LEU A 303 -28.03 5.93 9.58
N LEU A 303 -27.97 6.07 9.76
CA LEU A 303 -27.12 5.69 10.71
CA LEU A 303 -26.93 5.89 10.75
C LEU A 303 -26.84 7.01 11.40
C LEU A 303 -26.80 7.14 11.60
N ASN A 304 -27.37 7.19 12.60
N ASN A 304 -26.39 6.95 12.86
CA ASN A 304 -27.18 8.42 13.36
CA ASN A 304 -26.22 8.04 13.81
C ASN A 304 -26.11 8.26 14.44
C ASN A 304 -25.17 7.63 14.82
N THR A 308 -22.19 11.77 13.76
N THR A 308 -20.91 11.04 11.63
CA THR A 308 -22.66 12.09 12.41
CA THR A 308 -22.13 11.85 11.48
C THR A 308 -23.82 11.18 12.01
C THR A 308 -23.33 10.95 11.16
N GLU A 309 -24.70 11.70 11.15
N GLU A 309 -24.28 11.47 10.38
CA GLU A 309 -25.87 10.95 10.67
CA GLU A 309 -25.47 10.72 9.99
C GLU A 309 -25.68 10.68 9.18
C GLU A 309 -25.43 10.44 8.50
N ILE A 310 -25.55 9.40 8.83
N ILE A 310 -25.33 9.16 8.15
CA ILE A 310 -25.33 8.98 7.45
CA ILE A 310 -25.25 8.67 6.77
C ILE A 310 -26.44 8.00 7.05
C ILE A 310 -26.38 7.67 6.55
N GLU A 311 -26.77 7.98 5.77
N GLU A 311 -26.81 7.57 5.29
CA GLU A 311 -27.77 7.07 5.23
CA GLU A 311 -27.84 6.65 4.85
C GLU A 311 -27.12 6.15 4.20
C GLU A 311 -27.22 5.68 3.86
N VAL A 312 -27.52 4.88 4.25
N VAL A 312 -27.63 4.42 3.98
CA VAL A 312 -26.99 3.83 3.38
CA VAL A 312 -27.10 3.32 3.16
C VAL A 312 -28.15 2.97 2.91
C VAL A 312 -28.27 2.43 2.75
N GLU A 313 -28.13 2.60 1.64
N GLU A 313 -28.24 2.01 1.48
CA GLU A 313 -29.13 1.72 1.05
CA GLU A 313 -29.24 1.10 0.92
C GLU A 313 -28.60 0.29 1.10
C GLU A 313 -28.68 -0.33 1.00
N THR A 314 -29.09 -0.44 2.09
N THR A 314 -29.13 -1.06 2.02
CA THR A 314 -28.75 -1.83 2.32
CA THR A 314 -28.72 -2.44 2.22
C THR A 314 -29.43 -2.75 1.32
C THR A 314 -29.43 -3.35 1.22
N LEU A 315 -28.66 -3.74 0.85
N LEU A 315 -28.67 -4.30 0.66
CA LEU A 315 -29.20 -4.83 0.06
CA LEU A 315 -29.25 -5.37 -0.12
C LEU A 315 -29.88 -5.86 0.96
C LEU A 315 -29.86 -6.42 0.81
N VAL A 316 -31.07 -6.29 0.55
N VAL A 316 -31.08 -6.82 0.51
CA VAL A 316 -31.87 -7.25 1.29
CA VAL A 316 -31.79 -7.82 1.30
C VAL A 316 -32.14 -8.42 0.37
C VAL A 316 -32.22 -8.96 0.39
N GLU A 317 -32.79 -9.45 0.91
N GLU A 317 -32.81 -10.01 0.97
CA GLU A 317 -32.98 -10.69 0.18
CA GLU A 317 -33.14 -11.22 0.23
C GLU A 317 -34.35 -10.87 -0.43
C GLU A 317 -34.60 -11.31 -0.16
N ASP A 318 -35.39 -10.29 0.17
N ASP A 318 -35.52 -10.72 0.59
CA ASP A 318 -36.76 -10.49 -0.32
CA ASP A 318 -36.94 -10.87 0.31
C ASP A 318 -37.51 -9.18 -0.25
C ASP A 318 -37.64 -9.53 0.48
N GLU A 319 -38.62 -9.11 -0.98
N GLU A 319 -38.83 -9.43 -0.11
CA GLU A 319 -39.37 -7.88 -1.11
CA GLU A 319 -39.58 -8.18 -0.17
C GLU A 319 -40.18 -7.54 0.13
C GLU A 319 -40.24 -7.82 1.15
N ALA A 320 -40.24 -8.44 1.12
N ALA A 320 -40.19 -8.70 2.15
CA ALA A 320 -40.87 -8.13 2.40
CA ALA A 320 -40.67 -8.36 3.48
C ALA A 320 -40.16 -6.99 3.14
C ALA A 320 -39.89 -7.22 4.12
N GLU A 321 -38.99 -6.57 2.66
N GLU A 321 -38.77 -6.80 3.53
CA GLU A 321 -38.28 -5.43 3.20
CA GLU A 321 -38.02 -5.65 4.00
C GLU A 321 -38.08 -4.46 2.04
C GLU A 321 -37.89 -4.64 2.88
N ALA A 322 -38.62 -3.25 2.19
N ALA A 322 -38.42 -3.43 3.10
CA ALA A 322 -38.31 -2.13 1.32
CA ALA A 322 -38.10 -2.30 2.23
C ALA A 322 -38.58 -0.83 2.07
C ALA A 322 -38.31 -0.99 2.99
N GLY A 323 -38.44 -0.88 3.38
N GLY A 323 -38.17 -1.04 4.31
CA GLY A 323 -38.92 0.13 4.28
CA GLY A 323 -38.62 0.04 5.16
C GLY A 323 -37.87 1.19 4.55
C GLY A 323 -37.54 1.06 5.45
N ALA A 324 -38.02 1.85 5.69
N ALA A 324 -37.95 2.28 5.74
CA ALA A 324 -37.11 2.91 6.11
CA ALA A 324 -37.01 3.36 6.06
C ALA A 324 -36.74 2.54 7.54
C ALA A 324 -36.53 3.08 7.47
N VAL A 325 -35.65 1.78 7.63
N VAL A 325 -35.45 2.34 7.58
CA VAL A 325 -35.07 1.31 8.86
CA VAL A 325 -34.87 2.00 8.87
C VAL A 325 -33.96 2.26 9.27
C VAL A 325 -33.73 2.96 9.24
N SER A 326 -33.64 2.28 10.56
N SER A 326 -33.49 3.08 10.55
CA SER A 326 -32.50 3.06 11.04
CA SER A 326 -32.36 3.81 11.11
C SER A 326 -31.61 2.30 12.01
C SER A 326 -31.73 2.96 12.20
N SER A 327 -30.61 2.99 12.56
N SER A 327 -30.43 2.72 12.13
CA SER A 327 -29.69 2.39 13.53
CA SER A 327 -29.74 1.93 13.16
C SER A 327 -28.85 3.44 14.22
C SER A 327 -28.85 2.85 13.99
N GLU A 328 -29.06 3.61 15.53
N GLU A 328 -29.18 3.02 15.26
CA GLU A 328 -28.32 4.58 16.32
CA GLU A 328 -28.40 3.86 16.17
C GLU A 328 -26.95 4.02 16.72
C GLU A 328 -27.18 3.10 16.68
N ASP A 329 -25.91 4.83 16.52
N ASP A 329 -26.02 3.75 16.62
CA ASP A 329 -24.54 4.41 16.85
CA ASP A 329 -24.79 3.12 17.08
C ASP A 329 -24.11 4.98 18.19
C ASP A 329 -23.76 4.17 17.48
C18 OLC B . -1.24 6.28 10.11
C10 OLC B . 3.63 6.98 13.94
C9 OLC B . 4.01 7.65 15.04
C17 OLC B . -2.49 6.87 10.80
C11 OLC B . 3.17 5.54 14.27
C8 OLC B . 4.55 8.91 15.77
C24 OLC B . 16.18 10.76 12.37
C16 OLC B . -2.46 6.55 12.31
C12 OLC B . 2.02 5.12 13.32
C7 OLC B . 5.24 9.86 14.76
C15 OLC B . -1.24 7.24 12.98
C13 OLC B . 1.13 6.36 13.01
C6 OLC B . 6.77 9.84 14.98
C14 OLC B . -0.30 6.17 13.60
C5 OLC B . 7.40 11.15 14.40
C4 OLC B . 8.96 11.03 14.42
C3 OLC B . 9.45 10.79 12.96
C2 OLC B . 10.72 11.62 12.69
C21 OLC B . 13.94 11.68 11.69
C1 OLC B . 11.79 10.72 12.02
C22 OLC B . 15.25 11.98 12.43
O19 OLC B . 11.46 9.99 11.14
O25 OLC B . 17.01 10.74 13.51
O23 OLC B . 15.89 13.07 11.81
O20 OLC B . 13.14 10.79 12.43
C10 OLC C . 0.37 27.84 3.01
C9 OLC C . -0.95 27.67 3.19
C11 OLC C . 0.90 29.09 3.76
C8 OLC C . -2.35 28.06 3.77
C12 OLC C . 0.43 30.38 3.03
C7 OLC C . -3.27 26.81 3.80
C13 OLC C . 0.38 31.56 4.02
C6 OLC C . -4.02 26.74 5.16
C14 OLC C . -0.64 32.63 3.55
C5 OLC C . -3.58 25.46 5.94
C4 OLC C . -2.29 25.74 6.74
C3 OLC C . -1.10 25.00 6.07
C2 OLC C . 0.21 25.81 6.29
C1 OLC C . 1.44 24.88 6.07
O19 OLC C . 2.54 25.34 6.06
O20 OLC C . 1.26 23.49 5.89
C24 OLC D . 22.04 -19.83 9.35
C7 OLC D . 19.07 -17.78 8.67
C6 OLC D . 18.39 -18.20 10.02
C5 OLC D . 17.70 -16.95 10.66
C4 OLC D . 18.57 -16.41 11.82
C3 OLC D . 18.86 -17.56 12.83
C2 OLC D . 19.99 -17.13 13.80
C21 OLC D . 22.54 -18.44 11.38
C1 OLC D . 21.34 -17.65 13.26
C22 OLC D . 22.84 -19.76 10.66
O19 OLC D . 22.36 -17.28 13.75
O25 OLC D . 20.84 -20.54 9.57
O23 OLC D . 24.20 -19.85 10.38
O20 OLC D . 21.38 -18.55 12.17
C9 OLC E . -2.69 18.01 6.46
C8 OLC E . -4.22 17.73 6.35
C24 OLC E . -13.57 20.15 0.61
C7 OLC E . -4.75 18.24 4.99
C6 OLC E . -5.71 17.19 4.36
C5 OLC E . -5.69 17.32 2.81
C4 OLC E . -6.81 16.42 2.19
C3 OLC E . -7.74 17.31 1.33
C2 OLC E . -8.93 16.46 0.83
C21 OLC E . -11.92 18.49 -0.32
C1 OLC E . -9.86 17.33 -0.05
C22 OLC E . -13.29 18.66 0.37
O19 OLC E . -9.38 18.03 -0.89
O25 OLC E . -14.87 20.48 0.17
O23 OLC E . -14.28 18.10 -0.45
O20 OLC E . -11.27 17.33 0.14
C10 OLC F . 9.12 19.10 -0.93
C9 OLC F . 10.39 19.29 -1.35
C11 OLC F . 8.20 18.50 -2.02
C8 OLC F . 11.86 19.73 -1.15
C24 OLC F . 21.97 24.64 5.29
C7 OLC F . 12.27 19.58 0.35
C6 OLC F . 12.70 20.96 0.93
C5 OLC F . 14.22 21.21 0.70
C4 OLC F . 15.05 20.68 1.91
C3 OLC F . 16.41 21.45 2.00
C2 OLC F . 16.62 21.97 3.45
C21 OLC F . 20.06 23.20 4.49
C1 OLC F . 18.13 22.00 3.80
C22 OLC F . 20.79 24.55 4.31
O19 OLC F . 18.70 20.99 4.08
O25 OLC F . 22.90 25.60 4.83
O23 OLC F . 21.26 24.69 3.01
O20 OLC F . 18.84 23.23 3.79
C8 OLC G . -14.42 -0.35 10.84
C7 OLC G . -14.82 -1.85 10.75
C6 OLC G . -16.37 -1.95 10.54
C5 OLC G . -16.85 -3.39 10.88
C4 OLC G . -18.29 -3.34 11.47
C3 OLC G . -18.32 -4.15 12.81
C2 OLC G . -19.80 -4.33 13.26
C1 OLC G . -20.19 -3.19 14.24
O19 OLC G . -19.75 -3.17 15.33
O20 OLC G . -21.08 -2.18 13.81
C8 OLC H . -6.85 7.42 12.16
C7 OLC H . -8.12 6.53 12.20
C6 OLC H . -9.30 7.35 12.79
C5 OLC H . -10.29 6.41 13.53
C4 OLC H . -11.51 6.09 12.62
C3 OLC H . -12.81 6.12 13.47
C2 OLC H . -14.04 5.87 12.55
C1 OLC H . -14.93 7.13 12.52
O19 OLC H . -15.71 7.29 11.64
O20 OLC H . -14.81 8.10 13.55
C10 OLC I . 2.35 -2.15 -17.72
C9 OLC I . 1.30 -1.88 -16.94
C8 OLC I . -0.24 -1.87 -16.64
C7 OLC I . -1.03 -1.97 -17.97
C6 OLC I . -2.18 -3.00 -17.81
C5 OLC I . -3.26 -2.43 -16.84
C4 OLC I . -4.35 -3.50 -16.56
C3 OLC I . -5.75 -2.80 -16.42
C2 OLC I . -6.87 -3.87 -16.51
C9 OLC J . -19.10 -8.24 13.81
C8 OLC J . -17.78 -8.74 14.47
C7 OLC J . -16.98 -9.60 13.44
C6 OLC J . -15.51 -9.73 13.92
C5 OLC J . -14.92 -11.10 13.44
C4 OLC J . -13.65 -10.83 12.58
C3 OLC J . -12.40 -10.75 13.49
C2 OLC J . -11.11 -10.87 12.63
C1 RET K . 4.28 7.01 5.34
C1 RET K . 4.51 6.94 5.25
C2 RET K . 5.03 8.08 6.15
C2 RET K . 5.47 7.89 5.97
C3 RET K . 4.20 9.32 6.44
C3 RET K . 4.83 9.23 6.33
C4 RET K . 2.96 8.94 7.25
C4 RET K . 3.62 9.03 7.23
C5 RET K . 2.28 7.69 6.76
C5 RET K . 2.77 7.86 6.83
C6 RET K . 2.82 6.90 5.81
C6 RET K . 3.07 7.07 5.78
C7 RET K . 1.95 5.85 5.18
C7 RET K . 2.00 6.31 5.10
C8 RET K . 2.14 4.96 4.20
C8 RET K . 2.01 5.26 4.27
C9 RET K . 1.19 3.99 3.69
C9 RET K . 0.84 4.62 3.68
C10 RET K . 1.59 3.15 2.70
C10 RET K . 1.00 3.56 2.86
C11 RET K . 0.82 2.12 2.08
C11 RET K . -0.03 2.82 2.19
C12 RET K . 1.34 1.35 1.10
C12 RET K . 0.17 1.77 1.38
C13 RET K . 0.67 0.27 0.38
C13 RET K . -0.88 1.03 0.70
C14 RET K . 1.33 -0.36 -0.62
C14 RET K . -0.57 0.00 -0.12
C15 RET K . 0.85 -1.41 -1.53
C15 RET K . 0.66 -0.65 -0.55
C16 RET K . 4.36 7.43 3.87
C16 RET K . 4.57 7.27 3.75
C17 RET K . 5.02 5.69 5.54
C17 RET K . 5.04 5.51 5.48
C18 RET K . 0.96 7.45 7.42
C18 RET K . 1.57 7.67 7.71
C19 RET K . -0.19 3.96 4.29
C19 RET K . -0.51 5.19 4.03
C20 RET K . -0.75 -0.06 0.76
C20 RET K . -2.30 1.44 0.94
#